data_1OJM
#
_entry.id   1OJM
#
_cell.length_a   83.656
_cell.length_b   104.266
_cell.length_c   98.786
_cell.angle_alpha   90.00
_cell.angle_beta   90.00
_cell.angle_gamma   90.00
#
_symmetry.space_group_name_H-M   'P 21 21 21'
#
loop_
_entity.id
_entity.type
_entity.pdbx_description
1 polymer 'HYALURONATE LYASE'
2 branched '4-deoxy-alpha-L-threo-hex-4-enopyranuronic acid-(1-3)-2-acetamido-2-deoxy-beta-D-galactopyranose'
3 non-polymer 'SULFATE ION'
4 water water
#
_entity_poly.entity_id   1
_entity_poly.type   'polypeptide(L)'
_entity_poly.pdbx_seq_one_letter_code
;VKDTYTDRLDDWNGIIAGNQYYDSKNDQMAKLNQELEGKVADSLSSISSQADRIYLWEKFSNYKTSANLTATYRKLEEMA
KQVTNPSSRYYQDETVVRTVRDSMEWMHKHVYNSEKSIVGNWWDYEIGTPRAINNTLSLMKEYFSDEEIKKYTDVIEKFV
PDPEHFRKTTDNPFKALGGNLVDMGRVKVIAGLLRKDDQEISSTIRSIEQVFKLVDQGEGFYQDGSYIDHTNVAYTGAYG
NVLIDGLSQLLPVIQKTKNPIDKDKMQTMYHWIDKSFAPLLVNGELMDMSRGRSISRANSEGHVAAVEVLRGIHRIADMS
EGETKQRLQSLVKTIVQSDSYYDVFKNLKTYKDISLMQSLLSDAGVASVPRTSYLSAFNKMDKTAMYNAEKGFGFGLSLF
SSRTLNYEHMNKENKRGWYTSDGMFYLYNGDLSHYSDGYWPTVNPYKMPGTTETDAKRADSDTGKVLPSAFVGTSKLDDA
NATATMDFTNWNQTLTAHKSWFMLKDKIAFLGSNIQNTSTDTAATTIDQRKLESSNPYKVYVNDKEASLTEQEKDYPETQ
SVFLESSDSKKNIGYFFFKKSSISMSKALQKGAWKDINEGQSDKEVENEFLTISQAHKQNGDSYGYMLIPNVDRATFNQM
IKELESSLIENNETLQSVYDAKQGVWGIVKYDDSVSTISNQFQVLKRGVYTIRKEGDEYKIAYYNPETQESAPDQEVFKK
LEQHHHHHH
;
_entity_poly.pdbx_strand_id   A
#
# COMPACT_ATOMS: atom_id res chain seq x y z
N VAL A 1 5.67 19.74 -37.47
CA VAL A 1 6.42 20.97 -37.27
C VAL A 1 7.37 20.75 -36.10
N LYS A 2 8.61 20.37 -36.38
CA LYS A 2 9.58 20.14 -35.32
C LYS A 2 9.81 21.44 -34.58
N ASP A 3 9.45 21.48 -33.31
CA ASP A 3 9.57 22.67 -32.49
C ASP A 3 9.85 22.31 -31.04
N THR A 4 9.65 23.27 -30.14
CA THR A 4 9.88 23.04 -28.72
C THR A 4 8.90 21.99 -28.19
N TYR A 5 7.70 21.97 -28.79
CA TYR A 5 6.68 21.01 -28.38
C TYR A 5 7.15 19.58 -28.69
N THR A 6 7.66 19.37 -29.91
CA THR A 6 8.14 18.05 -30.29
C THR A 6 9.36 17.66 -29.45
N ASP A 7 10.16 18.66 -29.09
CA ASP A 7 11.34 18.43 -28.26
C ASP A 7 10.88 17.83 -26.94
N ARG A 8 9.85 18.44 -26.36
CA ARG A 8 9.31 17.96 -25.10
C ARG A 8 8.73 16.56 -25.24
N LEU A 9 8.07 16.30 -26.37
CA LEU A 9 7.49 14.98 -26.62
C LEU A 9 8.58 13.94 -26.79
N ASP A 10 9.73 14.33 -27.34
CA ASP A 10 10.83 13.39 -27.49
C ASP A 10 11.28 12.99 -26.09
N ASP A 11 11.39 13.98 -25.21
CA ASP A 11 11.81 13.71 -23.83
C ASP A 11 10.78 12.78 -23.19
N TRP A 12 9.51 13.04 -23.47
CA TRP A 12 8.43 12.22 -22.91
C TRP A 12 8.57 10.78 -23.37
N ASN A 13 8.85 10.58 -24.67
CA ASN A 13 9.01 9.24 -25.20
C ASN A 13 10.19 8.52 -24.55
N GLY A 14 11.24 9.28 -24.24
CA GLY A 14 12.41 8.69 -23.63
C GLY A 14 12.11 8.21 -22.22
N ILE A 15 11.09 8.80 -21.61
CA ILE A 15 10.68 8.48 -20.25
C ILE A 15 9.67 7.33 -20.19
N ILE A 16 8.66 7.35 -21.06
CA ILE A 16 7.63 6.31 -21.06
C ILE A 16 7.95 5.03 -21.84
N ALA A 17 9.02 5.06 -22.63
CA ALA A 17 9.42 3.89 -23.40
C ALA A 17 10.95 3.76 -23.40
N GLY A 18 11.63 4.85 -23.75
CA GLY A 18 13.08 4.86 -23.75
C GLY A 18 13.80 4.06 -24.82
N ASN A 19 13.20 3.92 -26.00
CA ASN A 19 13.85 3.16 -27.05
C ASN A 19 15.26 3.63 -27.35
N GLN A 20 15.52 4.92 -27.16
CA GLN A 20 16.85 5.45 -27.43
C GLN A 20 17.91 4.83 -26.52
N TYR A 21 17.49 4.30 -25.38
CA TYR A 21 18.42 3.69 -24.43
C TYR A 21 18.54 2.19 -24.62
N TYR A 22 17.71 1.62 -25.50
CA TYR A 22 17.73 0.18 -25.70
C TYR A 22 19.07 -0.37 -26.13
N ASP A 23 19.40 -1.54 -25.59
CA ASP A 23 20.65 -2.22 -25.88
C ASP A 23 20.36 -3.73 -25.90
N SER A 24 20.40 -4.34 -27.09
CA SER A 24 20.12 -5.77 -27.23
C SER A 24 21.07 -6.64 -26.42
N LYS A 25 22.23 -6.10 -26.09
CA LYS A 25 23.23 -6.83 -25.31
C LYS A 25 22.92 -6.72 -23.82
N ASN A 26 21.92 -5.91 -23.49
CA ASN A 26 21.50 -5.69 -22.11
C ASN A 26 20.41 -6.72 -21.81
N ASP A 27 20.76 -7.71 -20.99
CA ASP A 27 19.84 -8.79 -20.64
C ASP A 27 18.46 -8.36 -20.11
N GLN A 28 18.45 -7.46 -19.13
CA GLN A 28 17.19 -6.99 -18.57
C GLN A 28 16.34 -6.25 -19.59
N MET A 29 16.99 -5.44 -20.43
CA MET A 29 16.25 -4.71 -21.44
C MET A 29 15.67 -5.65 -22.49
N ALA A 30 16.47 -6.62 -22.91
CA ALA A 30 16.04 -7.59 -23.92
C ALA A 30 14.81 -8.34 -23.42
N LYS A 31 14.74 -8.51 -22.11
CA LYS A 31 13.61 -9.19 -21.49
C LYS A 31 12.32 -8.37 -21.62
N LEU A 32 12.42 -7.06 -21.40
CA LEU A 32 11.25 -6.17 -21.50
C LEU A 32 10.87 -6.09 -22.97
N ASN A 33 11.87 -5.93 -23.83
CA ASN A 33 11.56 -5.85 -25.25
C ASN A 33 10.81 -7.09 -25.72
N GLN A 34 11.34 -8.25 -25.37
N GLN A 34 11.33 -8.27 -25.39
CA GLN A 34 10.68 -9.50 -25.80
CA GLN A 34 10.72 -9.51 -25.75
C GLN A 34 9.24 -9.59 -25.30
C GLN A 34 9.26 -9.59 -25.29
N GLU A 35 9.01 -9.06 -24.09
CA GLU A 35 7.69 -9.06 -23.54
C GLU A 35 6.78 -8.20 -24.46
N LEU A 36 7.28 -7.04 -24.89
CA LEU A 36 6.49 -6.18 -25.78
C LEU A 36 6.26 -6.80 -27.15
N GLU A 37 7.26 -7.56 -27.60
CA GLU A 37 7.19 -8.26 -28.88
C GLU A 37 6.01 -9.23 -28.87
N GLY A 38 5.92 -10.01 -27.79
CA GLY A 38 4.84 -10.98 -27.67
C GLY A 38 3.47 -10.35 -27.57
N LYS A 39 3.36 -9.23 -26.85
CA LYS A 39 2.09 -8.53 -26.71
C LYS A 39 1.63 -7.99 -28.04
N VAL A 40 2.55 -7.37 -28.79
CA VAL A 40 2.21 -6.83 -30.09
C VAL A 40 1.84 -7.98 -31.03
N ALA A 41 2.61 -9.06 -30.96
CA ALA A 41 2.33 -10.22 -31.80
C ALA A 41 0.91 -10.72 -31.55
N ASP A 42 0.56 -10.88 -30.27
CA ASP A 42 -0.77 -11.35 -29.91
C ASP A 42 -1.87 -10.39 -30.37
N SER A 43 -1.64 -9.09 -30.21
CA SER A 43 -2.65 -8.12 -30.63
C SER A 43 -2.86 -8.14 -32.13
N LEU A 44 -1.78 -8.26 -32.88
CA LEU A 44 -1.85 -8.29 -34.34
C LEU A 44 -2.59 -9.50 -34.90
N SER A 45 -2.37 -10.66 -34.30
CA SER A 45 -3.02 -11.87 -34.82
C SER A 45 -4.50 -11.97 -34.43
N SER A 46 -4.94 -11.12 -33.52
CA SER A 46 -6.34 -11.18 -33.09
C SER A 46 -7.17 -9.96 -33.46
N ILE A 47 -6.51 -8.88 -33.88
CA ILE A 47 -7.24 -7.67 -34.24
C ILE A 47 -8.18 -8.00 -35.39
N SER A 48 -9.32 -7.31 -35.41
CA SER A 48 -10.33 -7.54 -36.42
C SER A 48 -10.03 -7.20 -37.87
N SER A 49 -10.80 -7.84 -38.72
CA SER A 49 -10.73 -7.78 -40.19
C SER A 49 -11.47 -6.66 -40.92
N GLN A 50 -10.92 -5.44 -40.95
CA GLN A 50 -11.52 -4.25 -41.61
C GLN A 50 -12.68 -4.38 -42.62
N ALA A 51 -13.24 -5.58 -42.74
CA ALA A 51 -14.34 -5.83 -43.66
C ALA A 51 -15.58 -6.05 -42.79
N ASP A 52 -16.34 -4.98 -42.63
CA ASP A 52 -17.54 -4.96 -41.81
C ASP A 52 -17.23 -5.40 -40.38
N ARG A 53 -16.18 -4.81 -39.81
CA ARG A 53 -15.81 -5.14 -38.44
C ARG A 53 -16.65 -4.32 -37.47
N ILE A 54 -17.05 -4.98 -36.39
CA ILE A 54 -17.88 -4.39 -35.35
C ILE A 54 -17.05 -3.96 -34.16
N TYR A 55 -15.80 -4.43 -34.15
CA TYR A 55 -14.87 -4.14 -33.06
C TYR A 55 -13.45 -4.39 -33.54
N LEU A 56 -12.47 -3.96 -32.74
CA LEU A 56 -11.08 -4.18 -33.08
C LEU A 56 -10.66 -5.52 -32.50
N TRP A 57 -10.90 -5.70 -31.19
CA TRP A 57 -10.57 -6.94 -30.50
C TRP A 57 -11.82 -7.53 -29.85
N GLU A 58 -12.10 -8.79 -30.16
CA GLU A 58 -13.29 -9.47 -29.65
C GLU A 58 -13.43 -9.55 -28.13
N LYS A 59 -12.31 -9.66 -27.41
CA LYS A 59 -12.38 -9.76 -25.96
C LYS A 59 -12.57 -8.41 -25.28
N PHE A 60 -12.44 -7.34 -26.06
CA PHE A 60 -12.63 -5.98 -25.55
C PHE A 60 -13.58 -5.34 -26.56
N SER A 61 -14.64 -6.07 -26.89
CA SER A 61 -15.63 -5.64 -27.89
C SER A 61 -16.87 -4.90 -27.41
N ASN A 62 -17.27 -5.12 -26.16
CA ASN A 62 -18.45 -4.44 -25.63
C ASN A 62 -18.05 -3.04 -25.20
N TYR A 63 -18.22 -2.08 -26.10
CA TYR A 63 -17.85 -0.69 -25.82
C TYR A 63 -18.73 0.05 -24.82
N LYS A 64 -19.70 -0.66 -24.26
CA LYS A 64 -20.58 -0.11 -23.24
C LYS A 64 -19.77 -0.18 -21.95
N THR A 65 -18.84 -1.14 -21.92
CA THR A 65 -17.95 -1.37 -20.78
C THR A 65 -16.71 -0.50 -21.01
N SER A 66 -16.65 0.64 -20.34
CA SER A 66 -15.56 1.60 -20.50
C SER A 66 -14.14 1.04 -20.46
N ALA A 67 -13.91 0.02 -19.64
CA ALA A 67 -12.58 -0.58 -19.53
C ALA A 67 -12.09 -1.07 -20.89
N ASN A 68 -13.02 -1.43 -21.77
CA ASN A 68 -12.66 -1.91 -23.10
C ASN A 68 -12.04 -0.83 -23.98
N LEU A 69 -12.39 0.42 -23.72
CA LEU A 69 -11.81 1.51 -24.49
C LEU A 69 -10.34 1.64 -24.13
N THR A 70 -10.07 1.71 -22.83
CA THR A 70 -8.70 1.83 -22.34
C THR A 70 -7.82 0.65 -22.75
N ALA A 71 -8.33 -0.57 -22.59
CA ALA A 71 -7.58 -1.75 -22.97
C ALA A 71 -7.25 -1.73 -24.46
N THR A 72 -8.20 -1.25 -25.27
CA THR A 72 -7.99 -1.18 -26.71
C THR A 72 -6.88 -0.21 -27.09
N TYR A 73 -6.95 1.02 -26.57
CA TYR A 73 -5.93 2.00 -26.89
C TYR A 73 -4.56 1.62 -26.32
N ARG A 74 -4.54 0.90 -25.20
CA ARG A 74 -3.27 0.48 -24.63
C ARG A 74 -2.56 -0.53 -25.53
N LYS A 75 -3.33 -1.29 -26.29
CA LYS A 75 -2.73 -2.25 -27.23
C LYS A 75 -2.05 -1.45 -28.33
N LEU A 76 -2.65 -0.32 -28.71
CA LEU A 76 -2.07 0.52 -29.75
C LEU A 76 -0.78 1.16 -29.25
N GLU A 77 -0.75 1.54 -27.97
CA GLU A 77 0.45 2.15 -27.41
C GLU A 77 1.60 1.16 -27.48
N GLU A 78 1.31 -0.11 -27.21
CA GLU A 78 2.34 -1.14 -27.25
C GLU A 78 2.89 -1.24 -28.66
N MET A 79 2.02 -1.12 -29.65
CA MET A 79 2.44 -1.17 -31.04
C MET A 79 3.34 0.04 -31.36
N ALA A 80 2.98 1.20 -30.81
CA ALA A 80 3.75 2.42 -31.05
C ALA A 80 5.16 2.27 -30.48
N LYS A 81 5.25 1.66 -29.30
CA LYS A 81 6.56 1.47 -28.69
C LYS A 81 7.48 0.60 -29.54
N GLN A 82 6.93 -0.43 -30.18
CA GLN A 82 7.77 -1.31 -30.99
C GLN A 82 8.06 -0.82 -32.38
N VAL A 83 7.16 -0.05 -32.98
N VAL A 83 7.16 -0.05 -32.97
CA VAL A 83 7.39 0.44 -34.32
CA VAL A 83 7.38 0.47 -34.30
C VAL A 83 8.51 1.48 -34.28
C VAL A 83 8.53 1.46 -34.27
N THR A 84 8.77 2.04 -33.09
CA THR A 84 9.83 3.03 -32.94
C THR A 84 11.10 2.50 -32.25
N ASN A 85 11.13 1.20 -32.02
CA ASN A 85 12.26 0.52 -31.38
C ASN A 85 13.10 -0.18 -32.45
N PRO A 86 14.26 0.38 -32.78
CA PRO A 86 15.16 -0.17 -33.79
C PRO A 86 15.43 -1.67 -33.71
N SER A 87 15.40 -2.23 -32.50
CA SER A 87 15.66 -3.66 -32.32
C SER A 87 14.45 -4.55 -32.35
N SER A 88 13.25 -3.96 -32.46
CA SER A 88 12.03 -4.76 -32.52
C SER A 88 11.82 -5.27 -33.94
N ARG A 89 11.23 -6.45 -34.06
CA ARG A 89 10.97 -7.03 -35.36
C ARG A 89 9.89 -6.20 -36.06
N TYR A 90 9.27 -5.30 -35.31
CA TYR A 90 8.22 -4.44 -35.85
C TYR A 90 8.72 -3.03 -36.12
N TYR A 91 10.03 -2.81 -36.01
CA TYR A 91 10.58 -1.49 -36.27
C TYR A 91 10.18 -1.05 -37.67
N GLN A 92 9.61 0.15 -37.76
CA GLN A 92 9.16 0.74 -39.02
C GLN A 92 8.34 -0.21 -39.90
N ASP A 93 7.67 -1.16 -39.27
CA ASP A 93 6.84 -2.12 -40.00
C ASP A 93 5.63 -1.41 -40.58
N GLU A 94 5.50 -1.44 -41.91
CA GLU A 94 4.39 -0.79 -42.58
C GLU A 94 3.02 -1.26 -42.14
N THR A 95 2.88 -2.56 -41.88
CA THR A 95 1.59 -3.09 -41.44
C THR A 95 1.21 -2.61 -40.04
N VAL A 96 2.20 -2.44 -39.17
CA VAL A 96 1.89 -1.98 -37.82
C VAL A 96 1.58 -0.48 -37.83
N VAL A 97 2.31 0.28 -38.65
CA VAL A 97 2.05 1.71 -38.77
C VAL A 97 0.60 1.89 -39.24
N ARG A 98 0.23 1.16 -40.28
CA ARG A 98 -1.13 1.26 -40.82
C ARG A 98 -2.17 0.77 -39.80
N THR A 99 -1.86 -0.30 -39.07
CA THR A 99 -2.78 -0.82 -38.07
C THR A 99 -3.08 0.22 -36.99
N VAL A 100 -2.05 0.90 -36.51
CA VAL A 100 -2.25 1.92 -35.48
C VAL A 100 -3.06 3.09 -36.06
N ARG A 101 -2.66 3.56 -37.24
CA ARG A 101 -3.37 4.66 -37.88
C ARG A 101 -4.83 4.34 -38.15
N ASP A 102 -5.10 3.14 -38.70
CA ASP A 102 -6.47 2.74 -39.00
C ASP A 102 -7.31 2.46 -37.76
N SER A 103 -6.66 1.98 -36.70
CA SER A 103 -7.37 1.69 -35.45
C SER A 103 -7.75 2.99 -34.78
N MET A 104 -6.85 3.97 -34.81
CA MET A 104 -7.14 5.27 -34.22
C MET A 104 -8.36 5.87 -34.93
N GLU A 105 -8.33 5.82 -36.26
CA GLU A 105 -9.42 6.37 -37.06
C GLU A 105 -10.74 5.66 -36.82
N TRP A 106 -10.70 4.34 -36.75
CA TRP A 106 -11.91 3.57 -36.54
C TRP A 106 -12.56 3.90 -35.19
N MET A 107 -11.76 3.88 -34.12
CA MET A 107 -12.27 4.20 -32.79
C MET A 107 -12.82 5.62 -32.77
N HIS A 108 -12.12 6.53 -33.45
CA HIS A 108 -12.53 7.92 -33.52
C HIS A 108 -13.92 8.07 -34.15
N LYS A 109 -14.21 7.24 -35.15
CA LYS A 109 -15.49 7.29 -35.84
C LYS A 109 -16.64 6.58 -35.13
N HIS A 110 -16.37 5.40 -34.60
CA HIS A 110 -17.42 4.58 -33.98
C HIS A 110 -17.46 4.35 -32.48
N VAL A 111 -16.47 4.83 -31.73
CA VAL A 111 -16.48 4.57 -30.30
C VAL A 111 -16.14 5.69 -29.35
N TYR A 112 -15.06 6.41 -29.64
CA TYR A 112 -14.60 7.47 -28.75
C TYR A 112 -14.35 8.78 -29.49
N ASN A 113 -15.25 9.74 -29.30
CA ASN A 113 -15.12 11.06 -29.92
C ASN A 113 -15.94 12.10 -29.15
N SER A 114 -15.74 13.37 -29.48
CA SER A 114 -16.43 14.47 -28.80
C SER A 114 -17.96 14.39 -28.76
N GLU A 115 -18.56 13.57 -29.61
CA GLU A 115 -20.01 13.44 -29.64
C GLU A 115 -20.53 12.39 -28.66
N LYS A 116 -19.63 11.59 -28.13
CA LYS A 116 -20.01 10.54 -27.19
C LYS A 116 -20.15 11.09 -25.77
N SER A 117 -20.73 10.29 -24.89
CA SER A 117 -20.91 10.65 -23.49
C SER A 117 -20.35 9.49 -22.68
N ILE A 118 -20.01 9.74 -21.42
CA ILE A 118 -19.48 8.70 -20.58
C ILE A 118 -20.48 7.57 -20.38
N VAL A 119 -20.04 6.35 -20.68
CA VAL A 119 -20.86 5.15 -20.50
C VAL A 119 -19.97 4.19 -19.74
N GLY A 120 -20.28 3.99 -18.47
CA GLY A 120 -19.46 3.11 -17.66
C GLY A 120 -18.68 3.93 -16.66
N ASN A 121 -17.37 3.71 -16.57
CA ASN A 121 -16.52 4.44 -15.62
C ASN A 121 -15.88 5.69 -16.22
N TRP A 122 -16.02 6.81 -15.52
CA TRP A 122 -15.46 8.08 -15.97
C TRP A 122 -13.94 8.01 -16.15
N TRP A 123 -13.28 7.23 -15.29
CA TRP A 123 -11.82 7.11 -15.33
C TRP A 123 -11.28 6.73 -16.71
N ASP A 124 -11.93 5.76 -17.35
CA ASP A 124 -11.50 5.32 -18.68
C ASP A 124 -11.61 6.45 -19.69
N TYR A 125 -12.71 7.20 -19.64
CA TYR A 125 -12.91 8.30 -20.56
C TYR A 125 -12.01 9.51 -20.33
N GLU A 126 -11.65 9.76 -19.08
CA GLU A 126 -10.86 10.95 -18.75
C GLU A 126 -9.38 10.75 -18.42
N ILE A 127 -8.99 9.54 -18.04
CA ILE A 127 -7.59 9.29 -17.70
C ILE A 127 -6.97 8.14 -18.47
N GLY A 128 -7.51 6.93 -18.31
CA GLY A 128 -6.97 5.76 -18.97
C GLY A 128 -6.82 5.89 -20.48
N THR A 129 -7.90 6.20 -21.17
CA THR A 129 -7.85 6.33 -22.62
C THR A 129 -7.04 7.54 -23.09
N PRO A 130 -7.29 8.73 -22.53
CA PRO A 130 -6.51 9.89 -22.96
C PRO A 130 -5.01 9.65 -22.82
N ARG A 131 -4.60 9.04 -21.71
CA ARG A 131 -3.20 8.74 -21.50
C ARG A 131 -2.65 7.80 -22.58
N ALA A 132 -3.43 6.78 -22.94
CA ALA A 132 -2.98 5.83 -23.95
C ALA A 132 -2.92 6.51 -25.33
N ILE A 133 -3.90 7.36 -25.62
CA ILE A 133 -3.93 8.06 -26.89
C ILE A 133 -2.73 9.00 -26.98
N ASN A 134 -2.52 9.79 -25.93
CA ASN A 134 -1.39 10.72 -25.90
C ASN A 134 -0.06 10.02 -26.16
N ASN A 135 0.18 8.93 -25.43
CA ASN A 135 1.42 8.18 -25.57
C ASN A 135 1.60 7.58 -26.96
N THR A 136 0.52 7.05 -27.53
CA THR A 136 0.59 6.45 -28.88
C THR A 136 0.95 7.52 -29.90
N LEU A 137 0.27 8.66 -29.82
CA LEU A 137 0.53 9.77 -30.74
C LEU A 137 1.93 10.37 -30.54
N SER A 138 2.35 10.50 -29.28
CA SER A 138 3.66 11.05 -28.99
C SER A 138 4.77 10.15 -29.58
N LEU A 139 4.67 8.86 -29.30
CA LEU A 139 5.66 7.91 -29.81
C LEU A 139 5.68 7.83 -31.34
N MET A 140 4.52 7.89 -31.97
CA MET A 140 4.44 7.81 -33.42
C MET A 140 4.16 9.15 -34.10
N LYS A 141 4.56 10.24 -33.49
CA LYS A 141 4.29 11.55 -34.07
C LYS A 141 4.87 11.73 -35.47
N GLU A 142 5.87 10.92 -35.83
CA GLU A 142 6.46 11.04 -37.16
C GLU A 142 5.67 10.26 -38.20
N TYR A 143 4.55 9.67 -37.77
CA TYR A 143 3.68 8.91 -38.66
C TYR A 143 2.29 9.54 -38.73
N PHE A 144 2.10 10.63 -38.00
CA PHE A 144 0.83 11.37 -37.97
C PHE A 144 1.10 12.85 -38.26
N SER A 145 0.13 13.52 -38.87
CA SER A 145 0.27 14.95 -39.16
C SER A 145 -0.24 15.72 -37.95
N ASP A 146 0.07 17.02 -37.89
CA ASP A 146 -0.38 17.85 -36.77
C ASP A 146 -1.91 17.92 -36.76
N GLU A 147 -2.52 17.92 -37.94
CA GLU A 147 -3.97 17.99 -38.04
C GLU A 147 -4.59 16.69 -37.50
N GLU A 148 -3.97 15.56 -37.80
CA GLU A 148 -4.48 14.28 -37.34
C GLU A 148 -4.33 14.17 -35.83
N ILE A 149 -3.20 14.64 -35.30
CA ILE A 149 -2.95 14.60 -33.87
C ILE A 149 -3.97 15.47 -33.15
N LYS A 150 -4.31 16.60 -33.75
CA LYS A 150 -5.30 17.48 -33.14
C LYS A 150 -6.66 16.80 -33.22
N LYS A 151 -6.93 16.13 -34.33
CA LYS A 151 -8.21 15.44 -34.53
C LYS A 151 -8.45 14.36 -33.48
N TYR A 152 -7.46 13.50 -33.27
CA TYR A 152 -7.59 12.41 -32.31
C TYR A 152 -7.49 12.85 -30.84
N THR A 153 -7.14 14.11 -30.60
CA THR A 153 -7.05 14.61 -29.23
C THR A 153 -8.18 15.59 -28.89
N ASP A 154 -9.02 15.90 -29.87
CA ASP A 154 -10.16 16.79 -29.66
C ASP A 154 -11.06 16.19 -28.60
N VAL A 155 -11.26 14.87 -28.68
CA VAL A 155 -12.11 14.16 -27.74
C VAL A 155 -11.60 14.30 -26.29
N ILE A 156 -10.28 14.44 -26.13
CA ILE A 156 -9.71 14.59 -24.80
C ILE A 156 -10.11 15.92 -24.19
N GLU A 157 -10.18 16.95 -25.04
CA GLU A 157 -10.56 18.28 -24.57
C GLU A 157 -12.04 18.31 -24.23
N LYS A 158 -12.83 17.47 -24.90
CA LYS A 158 -14.26 17.43 -24.64
C LYS A 158 -14.55 16.84 -23.26
N PHE A 159 -13.91 15.73 -22.94
CA PHE A 159 -14.13 15.09 -21.65
C PHE A 159 -13.31 15.69 -20.52
N VAL A 160 -12.19 16.32 -20.86
CA VAL A 160 -11.33 16.92 -19.85
C VAL A 160 -10.85 18.32 -20.25
N PRO A 161 -11.77 19.30 -20.30
CA PRO A 161 -11.42 20.68 -20.66
C PRO A 161 -10.85 21.48 -19.50
N ASP A 162 -11.17 21.05 -18.29
CA ASP A 162 -10.77 21.74 -17.06
C ASP A 162 -9.72 20.99 -16.24
N PRO A 163 -8.50 21.55 -16.15
CA PRO A 163 -7.39 20.94 -15.41
C PRO A 163 -7.56 20.86 -13.89
N GLU A 164 -8.64 21.44 -13.36
CA GLU A 164 -8.88 21.39 -11.92
C GLU A 164 -9.94 20.39 -11.49
N HIS A 165 -10.76 19.92 -12.43
CA HIS A 165 -11.80 18.96 -12.10
C HIS A 165 -11.90 17.80 -13.10
N PHE A 166 -12.44 16.69 -12.61
CA PHE A 166 -12.70 15.50 -13.41
C PHE A 166 -14.21 15.33 -13.40
N ARG A 167 -14.74 14.48 -14.28
CA ARG A 167 -16.17 14.25 -14.38
C ARG A 167 -16.94 15.52 -14.73
N LYS A 168 -16.25 16.42 -15.43
CA LYS A 168 -16.83 17.71 -15.83
C LYS A 168 -18.07 17.59 -16.71
N THR A 169 -18.17 16.52 -17.49
CA THR A 169 -19.33 16.34 -18.36
C THR A 169 -20.45 15.54 -17.71
N THR A 170 -20.30 15.19 -16.43
CA THR A 170 -21.34 14.44 -15.73
C THR A 170 -22.14 15.37 -14.82
N ASP A 171 -23.00 14.78 -13.99
N ASP A 171 -23.01 14.79 -13.99
CA ASP A 171 -23.83 15.53 -13.05
CA ASP A 171 -23.85 15.53 -13.05
C ASP A 171 -23.28 15.51 -11.63
C ASP A 171 -23.27 15.51 -11.63
N ASN A 172 -21.97 15.29 -11.51
CA ASN A 172 -21.29 15.25 -10.21
C ASN A 172 -19.76 15.31 -10.33
N PRO A 173 -19.24 16.42 -10.87
CA PRO A 173 -17.79 16.62 -11.05
C PRO A 173 -17.11 16.70 -9.69
N PHE A 174 -15.79 16.63 -9.68
CA PHE A 174 -15.05 16.71 -8.42
C PHE A 174 -13.70 17.37 -8.59
N LYS A 175 -13.18 17.89 -7.47
CA LYS A 175 -11.89 18.57 -7.43
C LYS A 175 -10.77 17.54 -7.57
N ALA A 176 -9.89 17.75 -8.54
CA ALA A 176 -8.78 16.84 -8.75
C ALA A 176 -7.63 17.10 -7.78
N LEU A 177 -7.25 16.06 -7.04
CA LEU A 177 -6.16 16.14 -6.07
C LEU A 177 -5.36 14.84 -6.10
N GLY A 178 -4.25 14.81 -5.37
CA GLY A 178 -3.42 13.62 -5.29
C GLY A 178 -3.07 12.90 -6.60
N GLY A 179 -3.18 11.58 -6.56
CA GLY A 179 -2.87 10.77 -7.74
C GLY A 179 -3.67 11.20 -8.95
N ASN A 180 -4.96 11.46 -8.76
CA ASN A 180 -5.81 11.90 -9.86
C ASN A 180 -5.27 13.17 -10.48
N LEU A 181 -4.84 14.11 -9.65
CA LEU A 181 -4.31 15.38 -10.13
C LEU A 181 -3.07 15.15 -10.98
N VAL A 182 -2.23 14.20 -10.59
CA VAL A 182 -1.03 13.89 -11.36
C VAL A 182 -1.44 13.32 -12.72
N ASP A 183 -2.47 12.47 -12.72
CA ASP A 183 -2.94 11.91 -13.98
C ASP A 183 -3.49 13.03 -14.86
N MET A 184 -4.04 14.05 -14.22
CA MET A 184 -4.57 15.19 -14.96
C MET A 184 -3.42 15.79 -15.74
N GLY A 185 -2.22 15.70 -15.18
CA GLY A 185 -1.05 16.22 -15.84
C GLY A 185 -0.66 15.35 -17.01
N ARG A 186 -0.70 14.03 -16.80
CA ARG A 186 -0.35 13.10 -17.86
C ARG A 186 -1.39 13.10 -18.99
N VAL A 187 -2.53 13.74 -18.73
CA VAL A 187 -3.58 13.85 -19.75
C VAL A 187 -3.47 15.18 -20.49
N LYS A 188 -3.56 16.28 -19.76
CA LYS A 188 -3.51 17.60 -20.38
C LYS A 188 -2.16 18.23 -20.71
N VAL A 189 -1.10 17.90 -19.96
CA VAL A 189 0.19 18.48 -20.30
C VAL A 189 0.67 17.86 -21.61
N ILE A 190 0.52 16.55 -21.75
CA ILE A 190 0.95 15.86 -22.97
C ILE A 190 0.02 16.23 -24.14
N ALA A 191 -1.28 16.28 -23.90
CA ALA A 191 -2.22 16.64 -24.95
C ALA A 191 -1.90 18.09 -25.36
N GLY A 192 -1.59 18.92 -24.37
CA GLY A 192 -1.24 20.29 -24.66
C GLY A 192 -0.05 20.41 -25.59
N LEU A 193 0.97 19.60 -25.33
CA LEU A 193 2.17 19.59 -26.14
C LEU A 193 1.85 19.11 -27.55
N LEU A 194 1.09 18.04 -27.65
CA LEU A 194 0.69 17.48 -28.95
C LEU A 194 -0.11 18.48 -29.76
N ARG A 195 -0.92 19.28 -29.07
CA ARG A 195 -1.78 20.27 -29.72
C ARG A 195 -1.10 21.64 -29.78
N LYS A 196 0.13 21.72 -29.26
CA LYS A 196 0.89 22.96 -29.24
C LYS A 196 0.05 24.08 -28.60
N ASP A 197 -0.68 23.74 -27.54
CA ASP A 197 -1.56 24.67 -26.84
C ASP A 197 -0.88 25.20 -25.56
N ASP A 198 -0.37 26.42 -25.61
CA ASP A 198 0.30 27.01 -24.45
C ASP A 198 -0.58 27.19 -23.22
N GLN A 199 -1.81 27.65 -23.42
CA GLN A 199 -2.73 27.87 -22.30
C GLN A 199 -3.04 26.57 -21.58
N GLU A 200 -3.19 25.48 -22.34
CA GLU A 200 -3.49 24.18 -21.73
C GLU A 200 -2.30 23.72 -20.91
N ILE A 201 -1.10 23.86 -21.46
CA ILE A 201 0.11 23.44 -20.77
C ILE A 201 0.31 24.26 -19.49
N SER A 202 0.24 25.58 -19.62
CA SER A 202 0.43 26.47 -18.47
C SER A 202 -0.63 26.31 -17.38
N SER A 203 -1.90 26.32 -17.77
CA SER A 203 -2.99 26.19 -16.81
C SER A 203 -2.95 24.84 -16.11
N THR A 204 -2.58 23.80 -16.84
CA THR A 204 -2.51 22.47 -16.26
C THR A 204 -1.38 22.36 -15.25
N ILE A 205 -0.23 22.94 -15.57
CA ILE A 205 0.92 22.91 -14.68
C ILE A 205 0.58 23.67 -13.39
N ARG A 206 -0.12 24.79 -13.55
CA ARG A 206 -0.53 25.60 -12.40
C ARG A 206 -1.39 24.76 -11.47
N SER A 207 -2.34 24.02 -12.05
CA SER A 207 -3.23 23.16 -11.28
C SER A 207 -2.44 22.07 -10.53
N ILE A 208 -1.48 21.48 -11.23
CA ILE A 208 -0.64 20.43 -10.66
C ILE A 208 0.13 20.88 -9.43
N GLU A 209 0.60 22.12 -9.44
CA GLU A 209 1.37 22.64 -8.33
C GLU A 209 0.67 22.46 -6.98
N GLN A 210 -0.65 22.27 -7.01
CA GLN A 210 -1.44 22.07 -5.78
C GLN A 210 -0.98 20.81 -5.04
N VAL A 211 -0.51 19.84 -5.80
CA VAL A 211 -0.10 18.57 -5.21
C VAL A 211 1.03 18.67 -4.20
N PHE A 212 1.80 19.76 -4.26
CA PHE A 212 2.92 19.95 -3.34
C PHE A 212 2.52 20.49 -1.98
N LYS A 213 1.25 20.87 -1.84
CA LYS A 213 0.78 21.41 -0.57
C LYS A 213 0.35 20.32 0.40
N LEU A 214 0.92 20.32 1.60
CA LEU A 214 0.53 19.34 2.61
C LEU A 214 -0.80 19.81 3.15
N VAL A 215 -1.64 18.88 3.57
CA VAL A 215 -2.96 19.23 4.11
C VAL A 215 -3.11 18.82 5.56
N ASP A 216 -4.05 19.44 6.27
CA ASP A 216 -4.28 19.06 7.66
C ASP A 216 -5.69 18.52 7.75
N GLN A 217 -6.31 18.36 6.59
CA GLN A 217 -7.67 17.85 6.49
C GLN A 217 -7.96 17.44 5.05
N GLY A 218 -8.81 16.43 4.86
CA GLY A 218 -9.17 15.98 3.54
C GLY A 218 -8.14 15.09 2.85
N GLU A 219 -8.28 14.96 1.53
CA GLU A 219 -7.38 14.14 0.73
C GLU A 219 -6.04 14.81 0.49
N GLY A 220 -4.98 14.00 0.49
CA GLY A 220 -3.64 14.52 0.26
C GLY A 220 -2.63 14.01 1.27
N PHE A 221 -1.43 14.59 1.23
CA PHE A 221 -0.34 14.23 2.14
C PHE A 221 -0.40 15.08 3.39
N TYR A 222 -0.15 14.45 4.53
CA TYR A 222 -0.15 15.14 5.82
C TYR A 222 1.24 15.30 6.38
N GLN A 223 1.38 16.22 7.32
CA GLN A 223 2.67 16.48 7.95
C GLN A 223 3.21 15.19 8.59
N ASP A 224 2.35 14.39 9.20
CA ASP A 224 2.81 13.19 9.87
C ASP A 224 3.09 12.01 8.94
N GLY A 225 3.00 12.24 7.64
CA GLY A 225 3.28 11.19 6.67
C GLY A 225 2.07 10.46 6.13
N SER A 226 0.91 10.67 6.74
CA SER A 226 -0.31 10.01 6.28
C SER A 226 -0.70 10.53 4.91
N TYR A 227 -1.41 9.70 4.15
CA TYR A 227 -1.92 10.11 2.84
C TYR A 227 -3.34 9.58 2.77
N ILE A 228 -4.29 10.48 2.59
CA ILE A 228 -5.70 10.13 2.51
C ILE A 228 -6.23 10.37 1.10
N ASP A 229 -7.11 9.48 0.65
CA ASP A 229 -7.76 9.67 -0.64
C ASP A 229 -9.16 9.12 -0.50
N HIS A 230 -10.00 9.35 -1.50
CA HIS A 230 -11.39 8.91 -1.46
C HIS A 230 -12.04 9.33 -0.16
N THR A 231 -11.88 10.62 0.15
CA THR A 231 -12.45 11.28 1.32
C THR A 231 -11.80 10.99 2.67
N ASN A 232 -11.70 9.71 3.02
CA ASN A 232 -11.16 9.36 4.32
C ASN A 232 -10.51 7.98 4.38
N VAL A 233 -9.88 7.57 3.28
CA VAL A 233 -9.25 6.25 3.25
C VAL A 233 -7.72 6.32 3.23
N ALA A 234 -7.08 5.57 4.12
CA ALA A 234 -5.61 5.53 4.15
C ALA A 234 -5.21 5.00 2.76
N TYR A 235 -4.43 5.76 2.01
CA TYR A 235 -4.13 5.29 0.66
C TYR A 235 -2.75 5.55 0.06
N THR A 236 -1.76 5.75 0.93
CA THR A 236 -0.40 6.01 0.49
C THR A 236 0.10 5.00 -0.55
N GLY A 237 -0.26 3.73 -0.33
CA GLY A 237 0.19 2.63 -1.19
C GLY A 237 -0.48 2.30 -2.50
N ALA A 238 -1.40 3.15 -2.97
CA ALA A 238 -2.06 2.90 -4.25
C ALA A 238 -2.18 4.22 -4.98
N TYR A 239 -2.96 5.15 -4.41
CA TYR A 239 -3.11 6.46 -5.02
C TYR A 239 -1.84 7.28 -4.85
N GLY A 240 -1.16 7.08 -3.73
CA GLY A 240 0.11 7.78 -3.51
C GLY A 240 1.13 7.24 -4.51
N ASN A 241 1.04 5.95 -4.82
CA ASN A 241 1.94 5.32 -5.79
C ASN A 241 1.78 6.02 -7.13
N VAL A 242 0.52 6.12 -7.57
CA VAL A 242 0.19 6.76 -8.83
C VAL A 242 0.74 8.19 -8.85
N LEU A 243 0.55 8.89 -7.74
CA LEU A 243 1.01 10.27 -7.61
C LEU A 243 2.53 10.39 -7.80
N ILE A 244 3.32 9.64 -7.03
CA ILE A 244 4.76 9.74 -7.15
C ILE A 244 5.28 9.14 -8.47
N ASP A 245 4.69 8.05 -8.92
CA ASP A 245 5.10 7.42 -10.16
C ASP A 245 4.85 8.36 -11.34
N GLY A 246 3.62 8.86 -11.47
CA GLY A 246 3.27 9.76 -12.54
C GLY A 246 3.97 11.12 -12.51
N LEU A 247 4.09 11.71 -11.32
CA LEU A 247 4.73 13.01 -11.20
C LEU A 247 6.21 12.96 -11.57
N SER A 248 6.88 11.88 -11.17
CA SER A 248 8.31 11.74 -11.46
C SER A 248 8.54 11.60 -12.97
N GLN A 249 7.53 11.12 -13.69
CA GLN A 249 7.62 10.98 -15.14
C GLN A 249 7.44 12.35 -15.78
N LEU A 250 6.46 13.09 -15.29
CA LEU A 250 6.12 14.41 -15.80
C LEU A 250 7.11 15.55 -15.55
N LEU A 251 7.67 15.59 -14.34
CA LEU A 251 8.59 16.67 -13.97
C LEU A 251 9.68 17.04 -14.97
N PRO A 252 10.40 16.04 -15.51
CA PRO A 252 11.47 16.35 -16.47
C PRO A 252 10.96 17.12 -17.69
N VAL A 253 9.71 16.85 -18.07
CA VAL A 253 9.11 17.53 -19.22
C VAL A 253 8.61 18.91 -18.80
N ILE A 254 7.87 18.95 -17.70
CA ILE A 254 7.34 20.20 -17.19
C ILE A 254 8.43 21.24 -16.95
N GLN A 255 9.52 20.83 -16.32
CA GLN A 255 10.62 21.75 -16.02
C GLN A 255 11.33 22.31 -17.25
N LYS A 256 11.02 21.77 -18.44
CA LYS A 256 11.63 22.26 -19.66
C LYS A 256 10.68 23.07 -20.53
N THR A 257 9.48 23.33 -19.99
CA THR A 257 8.48 24.13 -20.70
C THR A 257 8.70 25.57 -20.26
N LYS A 258 7.81 26.46 -20.65
CA LYS A 258 7.93 27.87 -20.26
C LYS A 258 7.23 28.12 -18.93
N ASN A 259 6.81 27.05 -18.28
CA ASN A 259 6.12 27.17 -17.01
C ASN A 259 6.67 26.17 -15.99
N PRO A 260 8.00 26.19 -15.79
CA PRO A 260 8.61 25.27 -14.83
C PRO A 260 8.09 25.55 -13.43
N ILE A 261 8.11 24.53 -12.58
CA ILE A 261 7.63 24.65 -11.21
C ILE A 261 8.75 25.12 -10.29
N ASP A 262 8.43 26.08 -9.42
CA ASP A 262 9.40 26.63 -8.48
C ASP A 262 10.06 25.51 -7.68
N LYS A 263 11.37 25.61 -7.48
CA LYS A 263 12.12 24.59 -6.76
C LYS A 263 11.71 24.44 -5.29
N ASP A 264 11.25 25.52 -4.66
CA ASP A 264 10.85 25.42 -3.26
C ASP A 264 9.47 24.79 -3.07
N LYS A 265 8.64 24.86 -4.10
CA LYS A 265 7.31 24.26 -4.03
C LYS A 265 7.45 22.75 -4.07
N MET A 266 8.41 22.28 -4.86
CA MET A 266 8.66 20.85 -5.03
C MET A 266 9.39 20.19 -3.86
N GLN A 267 9.84 20.99 -2.90
CA GLN A 267 10.58 20.47 -1.75
C GLN A 267 9.78 19.44 -0.93
N THR A 268 8.45 19.57 -0.93
CA THR A 268 7.64 18.65 -0.17
C THR A 268 7.71 17.21 -0.68
N MET A 269 8.17 17.03 -1.93
CA MET A 269 8.29 15.68 -2.47
C MET A 269 9.22 14.84 -1.60
N TYR A 270 10.28 15.47 -1.10
CA TYR A 270 11.26 14.78 -0.28
C TYR A 270 10.63 14.42 1.05
N HIS A 271 9.65 15.21 1.47
CA HIS A 271 8.95 14.93 2.72
C HIS A 271 8.07 13.69 2.52
N TRP A 272 7.43 13.57 1.37
CA TRP A 272 6.59 12.38 1.13
C TRP A 272 7.46 11.13 1.17
N ILE A 273 8.62 11.21 0.51
CA ILE A 273 9.51 10.08 0.44
C ILE A 273 9.99 9.61 1.80
N ASP A 274 10.49 10.53 2.62
CA ASP A 274 11.01 10.18 3.93
C ASP A 274 9.96 9.90 5.01
N LYS A 275 8.86 10.65 4.97
N LYS A 275 8.86 10.64 4.99
CA LYS A 275 7.81 10.54 5.98
CA LYS A 275 7.84 10.43 6.01
C LYS A 275 6.67 9.55 5.61
C LYS A 275 6.64 9.63 5.62
N SER A 276 6.27 9.60 4.34
CA SER A 276 5.15 8.80 3.89
C SER A 276 5.45 7.45 3.28
N PHE A 277 6.38 7.40 2.34
CA PHE A 277 6.71 6.16 1.65
C PHE A 277 7.71 5.22 2.31
N ALA A 278 8.88 5.74 2.66
CA ALA A 278 9.92 4.91 3.26
C ALA A 278 9.48 4.00 4.41
N PRO A 279 8.72 4.53 5.38
CA PRO A 279 8.31 3.66 6.48
C PRO A 279 7.46 2.46 6.08
N LEU A 280 6.72 2.61 4.98
CA LEU A 280 5.84 1.55 4.49
C LEU A 280 6.56 0.48 3.66
N LEU A 281 7.86 0.65 3.46
CA LEU A 281 8.65 -0.30 2.69
C LEU A 281 9.52 -1.16 3.59
N VAL A 282 9.22 -2.46 3.62
CA VAL A 282 9.97 -3.40 4.46
C VAL A 282 10.45 -4.57 3.62
N ASN A 283 11.77 -4.71 3.50
CA ASN A 283 12.38 -5.77 2.71
C ASN A 283 11.83 -5.80 1.29
N GLY A 284 11.64 -4.61 0.72
CA GLY A 284 11.14 -4.50 -0.64
C GLY A 284 9.65 -4.65 -0.84
N GLU A 285 8.90 -4.73 0.26
CA GLU A 285 7.45 -4.87 0.19
C GLU A 285 6.72 -3.64 0.69
N LEU A 286 5.69 -3.21 -0.04
CA LEU A 286 4.89 -2.05 0.36
C LEU A 286 3.73 -2.56 1.21
N MET A 287 3.69 -2.14 2.48
CA MET A 287 2.65 -2.59 3.41
C MET A 287 1.22 -2.50 2.88
N ASP A 288 0.56 -3.65 2.81
CA ASP A 288 -0.81 -3.75 2.31
C ASP A 288 -1.82 -2.85 3.01
N MET A 289 -1.61 -2.54 4.28
CA MET A 289 -2.57 -1.69 4.99
C MET A 289 -2.67 -0.29 4.40
N SER A 290 -1.77 0.06 3.49
CA SER A 290 -1.80 1.37 2.87
C SER A 290 -2.26 1.29 1.41
N ARG A 291 -2.55 0.09 0.94
CA ARG A 291 -2.92 -0.07 -0.47
C ARG A 291 -4.40 -0.15 -0.82
N GLY A 292 -5.27 0.03 0.15
CA GLY A 292 -6.69 -0.02 -0.12
C GLY A 292 -7.17 -1.26 -0.86
N ARG A 293 -8.05 -1.06 -1.83
CA ARG A 293 -8.61 -2.18 -2.59
C ARG A 293 -7.63 -2.86 -3.55
N SER A 294 -6.48 -2.24 -3.79
CA SER A 294 -5.48 -2.80 -4.69
C SER A 294 -4.89 -4.14 -4.20
N ILE A 295 -5.10 -4.46 -2.93
CA ILE A 295 -4.60 -5.73 -2.40
C ILE A 295 -5.31 -6.91 -3.08
N SER A 296 -6.46 -6.66 -3.69
CA SER A 296 -7.21 -7.71 -4.37
C SER A 296 -6.85 -7.91 -5.84
N ARG A 297 -5.72 -7.34 -6.26
CA ARG A 297 -5.27 -7.47 -7.65
C ARG A 297 -4.07 -8.42 -7.69
N ALA A 298 -4.24 -9.55 -8.38
CA ALA A 298 -3.18 -10.56 -8.46
C ALA A 298 -1.84 -10.08 -9.00
N ASN A 299 -1.88 -9.13 -9.94
CA ASN A 299 -0.66 -8.61 -10.56
C ASN A 299 -0.04 -7.47 -9.76
N SER A 300 -0.59 -7.20 -8.58
CA SER A 300 -0.08 -6.10 -7.77
C SER A 300 0.16 -6.43 -6.30
N GLU A 301 0.80 -7.58 -6.03
CA GLU A 301 1.07 -7.92 -4.64
C GLU A 301 2.14 -6.97 -4.09
N GLY A 302 2.28 -6.97 -2.77
CA GLY A 302 3.21 -6.08 -2.07
C GLY A 302 4.54 -5.66 -2.65
N HIS A 303 5.34 -6.62 -3.12
CA HIS A 303 6.65 -6.32 -3.67
C HIS A 303 6.55 -5.64 -5.03
N VAL A 304 5.53 -6.01 -5.80
CA VAL A 304 5.32 -5.42 -7.11
C VAL A 304 4.93 -3.95 -6.93
N ALA A 305 3.98 -3.71 -6.04
CA ALA A 305 3.51 -2.35 -5.78
C ALA A 305 4.64 -1.47 -5.26
N ALA A 306 5.56 -2.06 -4.49
CA ALA A 306 6.68 -1.32 -3.94
C ALA A 306 7.56 -0.74 -5.05
N VAL A 307 7.70 -1.48 -6.15
CA VAL A 307 8.52 -1.01 -7.27
C VAL A 307 7.91 0.25 -7.89
N GLU A 308 6.57 0.35 -7.87
CA GLU A 308 5.90 1.51 -8.41
C GLU A 308 6.42 2.75 -7.70
N VAL A 309 6.57 2.62 -6.38
CA VAL A 309 7.06 3.71 -5.55
C VAL A 309 8.56 3.90 -5.75
N LEU A 310 9.30 2.80 -5.66
CA LEU A 310 10.76 2.85 -5.82
C LEU A 310 11.21 3.47 -7.13
N ARG A 311 10.56 3.13 -8.24
CA ARG A 311 10.95 3.68 -9.53
C ARG A 311 10.69 5.18 -9.56
N GLY A 312 9.64 5.61 -8.86
CA GLY A 312 9.32 7.03 -8.80
C GLY A 312 10.39 7.73 -7.99
N ILE A 313 10.71 7.16 -6.83
CA ILE A 313 11.73 7.73 -5.96
C ILE A 313 13.05 7.87 -6.70
N HIS A 314 13.41 6.83 -7.45
CA HIS A 314 14.67 6.85 -8.19
C HIS A 314 14.73 7.95 -9.24
N ARG A 315 13.62 8.17 -9.96
CA ARG A 315 13.59 9.22 -10.97
C ARG A 315 13.79 10.57 -10.29
N ILE A 316 13.15 10.75 -9.15
CA ILE A 316 13.27 12.00 -8.40
C ILE A 316 14.72 12.19 -7.96
N ALA A 317 15.36 11.10 -7.54
CA ALA A 317 16.76 11.17 -7.13
C ALA A 317 17.61 11.57 -8.33
N ASP A 318 17.28 11.02 -9.50
CA ASP A 318 18.03 11.31 -10.72
C ASP A 318 17.94 12.78 -11.15
N MET A 319 16.83 13.43 -10.83
CA MET A 319 16.66 14.84 -11.19
C MET A 319 17.09 15.76 -10.06
N SER A 320 17.58 15.17 -8.98
CA SER A 320 18.05 15.94 -7.83
C SER A 320 19.55 16.18 -7.96
N GLU A 321 20.16 16.75 -6.93
CA GLU A 321 21.58 17.03 -6.97
C GLU A 321 22.24 16.92 -5.60
N GLY A 322 23.57 16.80 -5.61
CA GLY A 322 24.33 16.70 -4.39
C GLY A 322 23.90 15.62 -3.41
N GLU A 323 23.88 15.98 -2.13
CA GLU A 323 23.52 15.06 -1.07
C GLU A 323 22.08 14.56 -1.14
N THR A 324 21.18 15.37 -1.70
CA THR A 324 19.78 14.95 -1.81
C THR A 324 19.71 13.78 -2.78
N LYS A 325 20.39 13.91 -3.91
CA LYS A 325 20.43 12.86 -4.91
C LYS A 325 21.08 11.61 -4.32
N GLN A 326 22.22 11.81 -3.66
CA GLN A 326 22.97 10.72 -3.06
C GLN A 326 22.17 9.95 -2.02
N ARG A 327 21.52 10.68 -1.11
CA ARG A 327 20.75 10.02 -0.05
C ARG A 327 19.58 9.24 -0.61
N LEU A 328 18.94 9.76 -1.67
CA LEU A 328 17.80 9.07 -2.27
C LEU A 328 18.28 7.82 -3.02
N GLN A 329 19.43 7.93 -3.70
CA GLN A 329 19.98 6.77 -4.40
C GLN A 329 20.23 5.68 -3.36
N SER A 330 20.81 6.06 -2.22
CA SER A 330 21.11 5.09 -1.17
C SER A 330 19.84 4.42 -0.64
N LEU A 331 18.77 5.19 -0.49
CA LEU A 331 17.48 4.66 -0.02
C LEU A 331 16.98 3.59 -1.00
N VAL A 332 16.91 3.95 -2.28
CA VAL A 332 16.44 3.00 -3.27
C VAL A 332 17.31 1.76 -3.29
N LYS A 333 18.62 1.95 -3.33
CA LYS A 333 19.57 0.84 -3.37
C LYS A 333 19.46 -0.13 -2.21
N THR A 334 19.43 0.38 -0.99
CA THR A 334 19.34 -0.52 0.15
C THR A 334 18.02 -1.29 0.16
N ILE A 335 16.93 -0.63 -0.20
CA ILE A 335 15.64 -1.31 -0.22
C ILE A 335 15.63 -2.45 -1.25
N VAL A 336 16.05 -2.16 -2.47
CA VAL A 336 16.08 -3.17 -3.52
C VAL A 336 16.99 -4.34 -3.15
N GLN A 337 18.19 -4.03 -2.64
CA GLN A 337 19.11 -5.11 -2.30
C GLN A 337 18.65 -5.95 -1.11
N SER A 338 17.74 -5.42 -0.32
CA SER A 338 17.25 -6.16 0.84
C SER A 338 16.14 -7.13 0.42
N ASP A 339 15.67 -7.01 -0.82
CA ASP A 339 14.61 -7.87 -1.30
C ASP A 339 15.12 -9.12 -2.01
N SER A 340 15.19 -10.22 -1.28
CA SER A 340 15.66 -11.48 -1.84
C SER A 340 14.53 -12.30 -2.45
N TYR A 341 13.32 -11.74 -2.42
CA TYR A 341 12.14 -12.43 -2.94
C TYR A 341 11.71 -11.98 -4.33
N TYR A 342 11.61 -10.67 -4.51
CA TYR A 342 11.14 -10.12 -5.79
C TYR A 342 12.22 -9.47 -6.65
N ASP A 343 12.24 -9.83 -7.92
CA ASP A 343 13.20 -9.29 -8.88
C ASP A 343 12.70 -7.89 -9.26
N VAL A 344 13.37 -6.86 -8.77
CA VAL A 344 12.95 -5.47 -9.04
C VAL A 344 12.69 -5.18 -10.52
N PHE A 345 13.48 -5.77 -11.40
CA PHE A 345 13.31 -5.55 -12.83
C PHE A 345 11.96 -6.02 -13.37
N LYS A 346 11.29 -6.93 -12.65
CA LYS A 346 10.00 -7.40 -13.11
C LYS A 346 8.97 -6.27 -13.17
N ASN A 347 9.24 -5.15 -12.50
CA ASN A 347 8.30 -4.03 -12.58
C ASN A 347 8.94 -2.70 -12.98
N LEU A 348 10.02 -2.78 -13.76
CA LEU A 348 10.66 -1.59 -14.29
C LEU A 348 10.31 -1.79 -15.76
N LYS A 349 9.27 -1.08 -16.21
CA LYS A 349 8.72 -1.23 -17.55
C LYS A 349 9.14 -0.27 -18.67
N THR A 350 10.28 0.38 -18.52
CA THR A 350 10.81 1.26 -19.56
C THR A 350 12.33 1.07 -19.53
N TYR A 351 12.99 1.26 -20.68
CA TYR A 351 14.42 1.05 -20.72
C TYR A 351 15.21 2.03 -19.84
N LYS A 352 14.74 3.26 -19.74
CA LYS A 352 15.45 4.23 -18.90
C LYS A 352 15.38 3.81 -17.43
N ASP A 353 14.21 3.36 -16.98
CA ASP A 353 14.09 2.92 -15.59
C ASP A 353 15.00 1.72 -15.32
N ILE A 354 15.12 0.84 -16.32
CA ILE A 354 15.99 -0.33 -16.17
C ILE A 354 17.44 0.16 -16.12
N SER A 355 17.81 1.00 -17.07
CA SER A 355 19.16 1.54 -17.13
C SER A 355 19.56 2.21 -15.80
N LEU A 356 18.67 3.04 -15.27
CA LEU A 356 18.91 3.74 -14.01
C LEU A 356 19.18 2.79 -12.85
N MET A 357 18.34 1.76 -12.73
CA MET A 357 18.50 0.79 -11.66
C MET A 357 19.83 0.06 -11.77
N GLN A 358 20.17 -0.38 -12.97
CA GLN A 358 21.42 -1.10 -13.19
C GLN A 358 22.63 -0.26 -12.78
N SER A 359 22.64 1.01 -13.16
CA SER A 359 23.76 1.87 -12.80
C SER A 359 23.82 2.07 -11.29
N LEU A 360 22.65 2.22 -10.67
CA LEU A 360 22.56 2.41 -9.23
C LEU A 360 23.16 1.23 -8.46
N LEU A 361 22.74 0.02 -8.81
CA LEU A 361 23.20 -1.19 -8.15
C LEU A 361 24.67 -1.52 -8.37
N SER A 362 25.26 -1.01 -9.44
CA SER A 362 26.66 -1.30 -9.72
C SER A 362 27.60 -0.17 -9.32
N ASP A 363 27.03 0.97 -8.95
CA ASP A 363 27.83 2.13 -8.54
C ASP A 363 28.32 1.97 -7.11
N ALA A 364 29.59 1.62 -6.95
CA ALA A 364 30.16 1.45 -5.61
C ALA A 364 30.18 2.79 -4.87
N GLY A 365 30.00 3.86 -5.62
CA GLY A 365 29.98 5.19 -5.02
C GLY A 365 28.72 5.43 -4.23
N VAL A 366 27.68 4.65 -4.49
CA VAL A 366 26.41 4.80 -3.79
C VAL A 366 26.37 3.82 -2.62
N ALA A 367 26.34 4.36 -1.40
CA ALA A 367 26.31 3.53 -0.21
C ALA A 367 24.98 2.79 -0.10
N SER A 368 25.06 1.56 0.37
CA SER A 368 23.89 0.72 0.57
C SER A 368 24.07 0.12 1.96
N VAL A 369 23.48 0.75 2.96
CA VAL A 369 23.60 0.29 4.33
C VAL A 369 22.23 -0.11 4.87
N PRO A 370 22.14 -1.27 5.54
CA PRO A 370 20.84 -1.69 6.09
C PRO A 370 20.15 -0.52 6.81
N ARG A 371 18.85 -0.38 6.60
N ARG A 371 18.85 -0.37 6.58
CA ARG A 371 18.09 0.69 7.23
CA ARG A 371 18.09 0.71 7.22
C ARG A 371 17.97 0.51 8.72
C ARG A 371 17.97 0.51 8.73
N THR A 372 18.02 1.62 9.45
CA THR A 372 17.93 1.54 10.88
C THR A 372 16.49 1.43 11.37
N SER A 373 16.32 1.09 12.65
CA SER A 373 15.01 0.94 13.25
C SER A 373 14.21 2.24 13.20
N TYR A 374 12.90 2.10 13.07
CA TYR A 374 12.00 3.25 13.04
C TYR A 374 10.59 2.85 13.43
N LEU A 375 9.79 3.84 13.78
CA LEU A 375 8.40 3.61 14.17
C LEU A 375 7.62 4.85 13.77
N SER A 376 6.74 4.69 12.79
CA SER A 376 5.92 5.78 12.30
C SER A 376 4.50 5.71 12.82
N ALA A 377 4.07 6.75 13.51
CA ALA A 377 2.71 6.80 14.02
C ALA A 377 1.91 7.68 13.05
N PHE A 378 1.29 7.05 12.05
CA PHE A 378 0.48 7.76 11.07
C PHE A 378 -0.92 8.01 11.65
N ASN A 379 -0.99 8.85 12.67
CA ASN A 379 -2.27 9.12 13.32
C ASN A 379 -3.35 9.70 12.44
N LYS A 380 -2.95 10.49 11.44
N LYS A 380 -2.94 10.49 11.44
CA LYS A 380 -3.92 11.10 10.53
CA LYS A 380 -3.93 11.09 10.54
C LYS A 380 -4.60 10.10 9.58
C LYS A 380 -4.60 10.10 9.58
N MET A 381 -4.17 8.84 9.61
CA MET A 381 -4.79 7.80 8.77
C MET A 381 -4.95 6.49 9.56
N ASP A 382 -4.74 6.60 10.87
CA ASP A 382 -4.88 5.49 11.82
C ASP A 382 -4.10 4.21 11.52
N LYS A 383 -2.85 4.37 11.09
CA LYS A 383 -1.98 3.24 10.79
C LYS A 383 -0.66 3.48 11.54
N THR A 384 0.04 2.41 11.90
CA THR A 384 1.32 2.53 12.57
C THR A 384 2.28 1.52 11.95
N ALA A 385 3.48 1.97 11.62
CA ALA A 385 4.49 1.10 11.01
C ALA A 385 5.75 1.06 11.87
N MET A 386 6.15 -0.15 12.22
CA MET A 386 7.31 -0.37 13.07
C MET A 386 8.33 -1.28 12.40
N TYR A 387 9.60 -0.92 12.53
CA TYR A 387 10.67 -1.73 11.96
C TYR A 387 11.87 -1.82 12.91
N ASN A 388 12.28 -3.05 13.19
CA ASN A 388 13.42 -3.31 14.06
C ASN A 388 14.58 -3.84 13.20
N ALA A 389 15.62 -3.04 13.02
CA ALA A 389 16.76 -3.43 12.20
C ALA A 389 17.69 -4.46 12.84
N GLU A 390 17.80 -4.41 14.17
CA GLU A 390 18.66 -5.34 14.88
C GLU A 390 18.17 -6.78 14.74
N LYS A 391 16.85 -6.95 14.88
CA LYS A 391 16.23 -8.27 14.79
C LYS A 391 15.70 -8.60 13.39
N GLY A 392 15.46 -7.56 12.59
CA GLY A 392 15.01 -7.79 11.22
C GLY A 392 13.55 -8.17 11.01
N PHE A 393 12.63 -7.41 11.61
CA PHE A 393 11.22 -7.67 11.42
C PHE A 393 10.48 -6.36 11.39
N GLY A 394 9.37 -6.34 10.66
CA GLY A 394 8.54 -5.15 10.57
C GLY A 394 7.20 -5.49 11.17
N PHE A 395 6.48 -4.47 11.63
CA PHE A 395 5.17 -4.67 12.24
C PHE A 395 4.24 -3.58 11.76
N GLY A 396 3.06 -3.97 11.28
CA GLY A 396 2.09 -3.00 10.82
C GLY A 396 0.77 -3.12 11.54
N LEU A 397 0.27 -2.01 12.06
CA LEU A 397 -0.99 -1.98 12.79
C LEU A 397 -2.03 -1.22 11.97
N SER A 398 -3.04 -1.94 11.49
CA SER A 398 -4.09 -1.34 10.67
C SER A 398 -5.39 -1.09 11.40
N LEU A 399 -5.67 0.18 11.67
CA LEU A 399 -6.88 0.58 12.38
C LEU A 399 -7.70 1.59 11.55
N PHE A 400 -8.79 2.06 12.14
CA PHE A 400 -9.64 3.08 11.54
C PHE A 400 -10.38 3.71 12.72
N SER A 401 -11.06 4.82 12.49
CA SER A 401 -11.76 5.52 13.56
C SER A 401 -12.91 6.34 12.99
N SER A 402 -13.43 7.25 13.80
CA SER A 402 -14.52 8.11 13.33
C SER A 402 -13.98 8.98 12.18
N ARG A 403 -12.66 9.02 12.05
CA ARG A 403 -12.01 9.84 11.03
C ARG A 403 -11.66 9.14 9.73
N THR A 404 -11.69 7.82 9.73
CA THR A 404 -11.29 7.05 8.55
C THR A 404 -12.20 5.86 8.25
N LEU A 405 -12.26 5.46 6.99
CA LEU A 405 -13.08 4.33 6.56
C LEU A 405 -12.31 3.05 6.87
N ASN A 406 -13.01 1.99 7.26
CA ASN A 406 -12.28 0.75 7.56
C ASN A 406 -11.68 0.09 6.34
N TYR A 407 -12.47 -0.15 5.30
CA TYR A 407 -11.93 -0.79 4.09
C TYR A 407 -12.64 -0.28 2.85
N GLU A 408 -11.97 -0.37 1.70
CA GLU A 408 -12.60 0.08 0.47
C GLU A 408 -12.95 -1.03 -0.49
N HIS A 409 -14.24 -1.12 -0.78
CA HIS A 409 -14.76 -2.09 -1.74
C HIS A 409 -15.41 -1.22 -2.81
N MET A 410 -14.79 -1.15 -3.97
CA MET A 410 -15.37 -0.38 -5.06
C MET A 410 -14.84 -0.88 -6.39
N ASN A 411 -15.63 -0.65 -7.44
CA ASN A 411 -15.30 -1.12 -8.78
C ASN A 411 -15.19 -2.62 -8.75
N LYS A 412 -15.98 -3.23 -7.86
CA LYS A 412 -16.03 -4.66 -7.69
C LYS A 412 -14.73 -5.26 -7.17
N GLU A 413 -13.91 -4.43 -6.54
CA GLU A 413 -12.62 -4.86 -6.00
C GLU A 413 -12.61 -4.86 -4.47
N ASN A 414 -11.95 -5.87 -3.90
CA ASN A 414 -11.81 -6.05 -2.45
C ASN A 414 -13.15 -6.31 -1.76
N LYS A 415 -13.85 -7.30 -2.28
CA LYS A 415 -15.16 -7.70 -1.77
C LYS A 415 -15.15 -8.25 -0.34
N ARG A 416 -14.00 -8.73 0.13
CA ARG A 416 -13.95 -9.31 1.47
C ARG A 416 -12.91 -8.71 2.43
N GLY A 417 -12.64 -7.43 2.28
CA GLY A 417 -11.68 -6.78 3.16
C GLY A 417 -12.35 -6.22 4.41
N TRP A 418 -13.56 -6.72 4.69
CA TRP A 418 -14.36 -6.29 5.83
C TRP A 418 -13.63 -5.97 7.13
N TYR A 419 -12.74 -6.86 7.52
CA TYR A 419 -12.03 -6.71 8.80
C TYR A 419 -10.55 -6.34 8.74
N THR A 420 -10.07 -5.90 7.58
CA THR A 420 -8.66 -5.56 7.44
C THR A 420 -8.17 -4.32 8.22
N SER A 421 -9.06 -3.67 8.96
CA SER A 421 -8.68 -2.52 9.78
C SER A 421 -9.29 -2.61 11.19
N ASP A 422 -9.81 -3.78 11.54
CA ASP A 422 -10.40 -3.97 12.87
C ASP A 422 -9.31 -4.37 13.85
N GLY A 423 -8.23 -3.62 13.88
CA GLY A 423 -7.14 -3.97 14.77
C GLY A 423 -6.33 -5.10 14.15
N MET A 424 -6.30 -5.16 12.83
CA MET A 424 -5.53 -6.19 12.16
C MET A 424 -4.05 -5.82 12.20
N PHE A 425 -3.19 -6.81 12.37
CA PHE A 425 -1.76 -6.54 12.37
C PHE A 425 -1.07 -7.35 11.29
N TYR A 426 0.10 -6.86 10.91
CA TYR A 426 0.95 -7.50 9.91
C TYR A 426 2.32 -7.70 10.54
N LEU A 427 2.93 -8.84 10.25
CA LEU A 427 4.28 -9.14 10.73
C LEU A 427 5.11 -9.40 9.49
N TYR A 428 6.17 -8.62 9.32
CA TYR A 428 7.06 -8.77 8.17
C TYR A 428 8.36 -9.42 8.65
N ASN A 429 8.57 -10.68 8.31
CA ASN A 429 9.78 -11.38 8.75
C ASN A 429 10.59 -11.98 7.62
N GLY A 430 11.33 -13.05 7.94
CA GLY A 430 12.17 -13.73 6.97
C GLY A 430 11.46 -14.24 5.74
N ASP A 431 10.16 -14.48 5.86
CA ASP A 431 9.38 -14.95 4.71
C ASP A 431 8.82 -13.73 3.98
N LEU A 432 9.62 -13.16 3.09
CA LEU A 432 9.20 -11.99 2.33
C LEU A 432 7.98 -12.27 1.45
N SER A 433 7.71 -13.53 1.19
CA SER A 433 6.58 -13.89 0.33
C SER A 433 5.27 -14.09 1.08
N HIS A 434 5.27 -13.89 2.40
CA HIS A 434 4.07 -14.11 3.19
C HIS A 434 2.76 -13.52 2.68
N TYR A 435 2.72 -12.22 2.39
CA TYR A 435 1.49 -11.60 1.91
C TYR A 435 1.36 -11.65 0.39
N SER A 436 2.21 -12.46 -0.24
CA SER A 436 2.20 -12.63 -1.69
C SER A 436 1.87 -14.07 -2.05
N ASP A 437 2.09 -14.44 -3.31
CA ASP A 437 1.80 -15.80 -3.77
C ASP A 437 0.37 -16.26 -3.44
N GLY A 438 -0.59 -15.35 -3.63
CA GLY A 438 -1.99 -15.70 -3.40
C GLY A 438 -2.53 -15.59 -1.99
N TYR A 439 -1.85 -14.84 -1.13
CA TYR A 439 -2.32 -14.67 0.24
C TYR A 439 -3.75 -14.11 0.28
N TRP A 440 -3.95 -12.97 -0.38
CA TRP A 440 -5.27 -12.34 -0.35
C TRP A 440 -6.48 -13.15 -0.80
N PRO A 441 -6.33 -13.98 -1.85
CA PRO A 441 -7.56 -14.71 -2.18
C PRO A 441 -7.76 -15.99 -1.36
N THR A 442 -6.71 -16.47 -0.70
CA THR A 442 -6.82 -17.69 0.09
C THR A 442 -6.96 -17.52 1.60
N VAL A 443 -6.65 -16.33 2.10
CA VAL A 443 -6.77 -16.06 3.53
C VAL A 443 -8.27 -16.09 3.88
N ASN A 444 -8.60 -16.59 5.08
CA ASN A 444 -9.99 -16.65 5.54
C ASN A 444 -10.32 -15.24 6.00
N PRO A 445 -11.17 -14.52 5.23
CA PRO A 445 -11.56 -13.14 5.54
C PRO A 445 -12.30 -12.93 6.86
N TYR A 446 -12.81 -14.01 7.43
CA TYR A 446 -13.53 -13.93 8.69
C TYR A 446 -12.60 -14.03 9.89
N LYS A 447 -11.33 -14.31 9.64
CA LYS A 447 -10.35 -14.45 10.71
C LYS A 447 -9.06 -13.68 10.44
N MET A 448 -9.19 -12.40 10.12
CA MET A 448 -8.02 -11.59 9.87
C MET A 448 -7.22 -11.49 11.17
N PRO A 449 -5.89 -11.68 11.09
N PRO A 449 -5.89 -11.66 11.09
CA PRO A 449 -4.98 -11.64 12.25
CA PRO A 449 -4.97 -11.61 12.23
C PRO A 449 -5.12 -10.39 13.15
C PRO A 449 -5.11 -10.40 13.14
N GLY A 450 -5.32 -10.65 14.43
CA GLY A 450 -5.46 -9.57 15.41
C GLY A 450 -6.87 -9.09 15.69
N THR A 451 -7.81 -9.42 14.80
CA THR A 451 -9.18 -8.95 14.95
C THR A 451 -10.10 -9.74 15.86
N THR A 452 -10.98 -9.01 16.53
CA THR A 452 -11.98 -9.59 17.45
C THR A 452 -13.31 -9.40 16.71
N GLU A 453 -13.98 -10.50 16.39
CA GLU A 453 -15.23 -10.45 15.65
C GLU A 453 -16.18 -11.58 16.06
N THR A 454 -17.42 -11.50 15.60
CA THR A 454 -18.40 -12.56 15.83
C THR A 454 -18.33 -13.34 14.51
N ASP A 455 -18.91 -14.53 14.45
CA ASP A 455 -18.84 -15.32 13.23
C ASP A 455 -20.00 -15.16 12.24
N ALA A 456 -20.71 -14.05 12.35
CA ALA A 456 -21.83 -13.79 11.46
C ALA A 456 -21.33 -13.72 10.02
N LYS A 457 -22.16 -14.14 9.08
CA LYS A 457 -21.79 -14.08 7.67
C LYS A 457 -21.82 -12.63 7.19
N ARG A 458 -20.96 -12.32 6.23
CA ARG A 458 -20.89 -10.98 5.66
C ARG A 458 -21.17 -11.05 4.17
N ALA A 459 -21.75 -9.99 3.62
CA ALA A 459 -22.07 -9.95 2.20
C ALA A 459 -20.95 -9.27 1.41
N ASP A 460 -20.64 -9.79 0.23
CA ASP A 460 -19.59 -9.20 -0.60
C ASP A 460 -20.00 -7.81 -1.06
N SER A 461 -21.31 -7.56 -1.12
CA SER A 461 -21.85 -6.27 -1.56
C SER A 461 -21.69 -5.13 -0.56
N ASP A 462 -21.34 -5.46 0.67
CA ASP A 462 -21.17 -4.43 1.71
C ASP A 462 -20.07 -3.45 1.33
N THR A 463 -20.12 -2.27 1.93
CA THR A 463 -19.08 -1.27 1.70
C THR A 463 -18.58 -0.78 3.05
N GLY A 464 -17.47 -0.05 3.04
CA GLY A 464 -16.86 0.43 4.27
C GLY A 464 -17.69 1.37 5.12
N LYS A 465 -17.26 1.54 6.37
CA LYS A 465 -17.92 2.41 7.35
C LYS A 465 -16.85 3.03 8.23
N VAL A 466 -17.18 4.13 8.90
CA VAL A 466 -16.23 4.77 9.81
C VAL A 466 -16.56 4.21 11.19
N LEU A 467 -15.66 4.43 12.16
CA LEU A 467 -15.87 3.93 13.51
C LEU A 467 -16.67 4.94 14.34
N PRO A 468 -17.56 4.44 15.22
CA PRO A 468 -18.35 5.37 16.04
C PRO A 468 -17.45 6.22 16.94
N SER A 469 -16.33 5.64 17.35
CA SER A 469 -15.41 6.32 18.26
C SER A 469 -14.21 7.01 17.62
N ALA A 470 -13.76 8.09 18.26
CA ALA A 470 -12.59 8.83 17.82
C ALA A 470 -11.40 8.43 18.68
N PHE A 471 -11.65 7.58 19.68
CA PHE A 471 -10.60 7.13 20.59
C PHE A 471 -9.78 5.99 20.00
N VAL A 472 -8.96 6.34 19.01
CA VAL A 472 -8.10 5.41 18.30
C VAL A 472 -6.83 6.20 18.01
N GLY A 473 -5.67 5.68 18.43
CA GLY A 473 -4.46 6.43 18.19
C GLY A 473 -3.20 5.83 18.77
N THR A 474 -2.05 6.37 18.35
CA THR A 474 -0.77 5.89 18.82
C THR A 474 0.09 6.96 19.47
N SER A 475 0.66 6.63 20.62
CA SER A 475 1.56 7.55 21.32
C SER A 475 2.96 7.00 21.15
N LYS A 476 3.79 7.72 20.42
CA LYS A 476 5.16 7.28 20.17
C LYS A 476 6.19 7.91 21.10
N LEU A 477 7.02 7.08 21.72
CA LEU A 477 8.06 7.58 22.60
C LEU A 477 9.33 7.83 21.80
N ASP A 478 9.79 6.79 21.10
CA ASP A 478 11.00 6.88 20.28
C ASP A 478 10.88 5.94 19.08
N ASP A 479 12.00 5.69 18.41
CA ASP A 479 12.00 4.84 17.22
C ASP A 479 11.71 3.37 17.51
N ALA A 480 11.63 2.98 18.77
CA ALA A 480 11.39 1.58 19.08
C ALA A 480 10.23 1.30 20.01
N ASN A 481 9.67 2.33 20.62
CA ASN A 481 8.58 2.14 21.58
C ASN A 481 7.39 3.05 21.36
N ALA A 482 6.21 2.45 21.33
CA ALA A 482 4.98 3.19 21.13
C ALA A 482 3.81 2.36 21.67
N THR A 483 2.71 3.05 21.94
CA THR A 483 1.51 2.40 22.46
C THR A 483 0.31 2.86 21.64
N ALA A 484 -0.64 1.96 21.40
CA ALA A 484 -1.82 2.30 20.62
C ALA A 484 -3.07 1.67 21.20
N THR A 485 -4.23 2.25 20.89
CA THR A 485 -5.48 1.70 21.36
C THR A 485 -6.57 1.96 20.34
N MET A 486 -7.63 1.16 20.41
CA MET A 486 -8.77 1.29 19.52
C MET A 486 -10.03 0.93 20.28
N ASP A 487 -10.89 1.92 20.49
CA ASP A 487 -12.17 1.74 21.17
C ASP A 487 -13.07 1.11 20.11
N PHE A 488 -12.91 -0.20 19.97
CA PHE A 488 -13.59 -0.99 18.96
C PHE A 488 -15.05 -1.41 19.18
N THR A 489 -15.81 -1.28 18.10
CA THR A 489 -17.21 -1.69 18.03
C THR A 489 -17.27 -2.35 16.65
N ASN A 490 -17.88 -3.52 16.55
CA ASN A 490 -17.92 -4.19 15.26
C ASN A 490 -18.94 -3.58 14.30
N TRP A 491 -18.95 -4.07 13.06
CA TRP A 491 -19.80 -3.54 12.00
C TRP A 491 -21.29 -3.40 12.29
N ASN A 492 -21.88 -4.35 13.00
CA ASN A 492 -23.31 -4.29 13.30
C ASN A 492 -23.61 -3.94 14.75
N GLN A 493 -22.66 -3.30 15.42
CA GLN A 493 -22.81 -2.90 16.81
C GLN A 493 -23.33 -4.01 17.73
N THR A 494 -22.71 -5.19 17.65
CA THR A 494 -23.11 -6.30 18.51
C THR A 494 -21.92 -6.76 19.35
N LEU A 495 -20.76 -6.17 19.09
CA LEU A 495 -19.57 -6.53 19.87
C LEU A 495 -18.65 -5.33 20.08
N THR A 496 -18.08 -5.27 21.27
CA THR A 496 -17.15 -4.19 21.61
C THR A 496 -15.92 -4.80 22.26
N ALA A 497 -14.88 -3.99 22.36
CA ALA A 497 -13.64 -4.41 22.99
C ALA A 497 -12.67 -3.25 23.00
N HIS A 498 -11.93 -3.13 24.11
CA HIS A 498 -10.91 -2.11 24.23
C HIS A 498 -9.65 -2.82 23.77
N LYS A 499 -9.24 -2.59 22.54
CA LYS A 499 -8.06 -3.25 22.01
C LYS A 499 -6.87 -2.30 22.09
N SER A 500 -5.76 -2.80 22.65
CA SER A 500 -4.56 -1.98 22.77
C SER A 500 -3.32 -2.77 22.38
N TRP A 501 -2.29 -2.05 21.93
CA TRP A 501 -1.05 -2.66 21.50
C TRP A 501 0.11 -1.93 22.14
N PHE A 502 1.10 -2.70 22.58
CA PHE A 502 2.26 -2.14 23.21
C PHE A 502 3.51 -2.57 22.45
N MET A 503 4.01 -1.65 21.63
CA MET A 503 5.19 -1.90 20.84
C MET A 503 6.41 -1.61 21.71
N LEU A 504 7.09 -2.68 22.08
CA LEU A 504 8.25 -2.58 22.97
C LEU A 504 9.56 -3.07 22.38
N LYS A 505 10.02 -2.36 21.34
CA LYS A 505 11.27 -2.63 20.63
C LYS A 505 11.42 -3.93 19.86
N ASP A 506 11.43 -5.06 20.57
CA ASP A 506 11.61 -6.36 19.92
C ASP A 506 10.42 -7.30 20.11
N LYS A 507 9.28 -6.74 20.46
CA LYS A 507 8.08 -7.51 20.70
C LYS A 507 6.88 -6.57 20.76
N ILE A 508 5.69 -7.13 20.59
CA ILE A 508 4.47 -6.34 20.67
C ILE A 508 3.48 -7.06 21.56
N ALA A 509 2.94 -6.36 22.55
CA ALA A 509 1.96 -6.96 23.43
C ALA A 509 0.57 -6.60 22.92
N PHE A 510 -0.33 -7.58 22.94
CA PHE A 510 -1.70 -7.41 22.49
C PHE A 510 -2.66 -7.57 23.66
N LEU A 511 -3.33 -6.48 24.04
CA LEU A 511 -4.28 -6.55 25.15
C LEU A 511 -5.69 -6.21 24.71
N GLY A 512 -6.67 -6.97 25.19
CA GLY A 512 -8.05 -6.71 24.85
C GLY A 512 -8.88 -6.88 26.10
N SER A 513 -9.78 -5.94 26.35
CA SER A 513 -10.62 -6.02 27.55
C SER A 513 -12.02 -5.53 27.25
N ASN A 514 -12.92 -5.71 28.22
CA ASN A 514 -14.28 -5.24 28.07
C ASN A 514 -14.94 -5.83 26.84
N ILE A 515 -14.58 -7.07 26.49
CA ILE A 515 -15.17 -7.71 25.32
C ILE A 515 -16.60 -8.12 25.65
N GLN A 516 -17.55 -7.51 24.96
CA GLN A 516 -18.97 -7.78 25.16
C GLN A 516 -19.62 -8.15 23.84
N ASN A 517 -20.58 -9.06 23.91
CA ASN A 517 -21.30 -9.54 22.73
C ASN A 517 -22.80 -9.64 23.04
N THR A 518 -23.61 -8.93 22.26
CA THR A 518 -25.06 -8.95 22.48
C THR A 518 -25.79 -9.82 21.45
N SER A 519 -25.05 -10.40 20.52
CA SER A 519 -25.65 -11.25 19.50
C SER A 519 -25.65 -12.70 19.95
N THR A 520 -26.20 -13.57 19.11
CA THR A 520 -26.24 -15.00 19.40
C THR A 520 -25.13 -15.69 18.62
N ASP A 521 -24.30 -14.87 17.97
CA ASP A 521 -23.18 -15.39 17.19
C ASP A 521 -22.01 -15.56 18.15
N THR A 522 -21.10 -16.46 17.83
CA THR A 522 -19.95 -16.69 18.68
C THR A 522 -18.89 -15.62 18.41
N ALA A 523 -18.22 -15.18 19.47
CA ALA A 523 -17.18 -14.16 19.33
C ALA A 523 -15.81 -14.75 19.64
N ALA A 524 -14.78 -14.19 19.02
CA ALA A 524 -13.42 -14.66 19.24
C ALA A 524 -12.41 -13.71 18.62
N THR A 525 -11.17 -13.82 19.07
CA THR A 525 -10.09 -12.99 18.54
C THR A 525 -9.11 -13.89 17.79
N THR A 526 -8.77 -13.51 16.57
CA THR A 526 -7.81 -14.30 15.84
C THR A 526 -6.43 -13.82 16.25
N ILE A 527 -5.70 -14.67 16.97
CA ILE A 527 -4.35 -14.35 17.42
C ILE A 527 -3.43 -14.29 16.20
N ASP A 528 -3.67 -15.18 15.25
CA ASP A 528 -2.89 -15.20 14.02
C ASP A 528 -3.47 -16.14 12.99
N GLN A 529 -3.17 -15.87 11.73
CA GLN A 529 -3.57 -16.70 10.59
C GLN A 529 -2.36 -16.49 9.70
N ARG A 530 -1.38 -17.35 9.86
CA ARG A 530 -0.12 -17.26 9.13
C ARG A 530 -0.01 -18.21 7.93
N LYS A 531 0.32 -17.64 6.77
CA LYS A 531 0.47 -18.41 5.54
C LYS A 531 1.81 -19.14 5.57
N LEU A 532 1.75 -20.46 5.44
CA LEU A 532 2.96 -21.30 5.51
C LEU A 532 3.70 -21.54 4.19
N GLU A 533 4.95 -21.98 4.33
CA GLU A 533 5.83 -22.30 3.19
C GLU A 533 6.08 -23.80 3.20
N SER A 534 5.76 -24.47 2.10
CA SER A 534 5.95 -25.91 2.03
C SER A 534 7.42 -26.28 2.17
N SER A 535 8.30 -25.35 1.80
N SER A 535 8.30 -25.35 1.81
CA SER A 535 9.75 -25.57 1.89
CA SER A 535 9.73 -25.58 1.89
C SER A 535 10.30 -25.38 3.30
C SER A 535 10.28 -25.41 3.30
N ASN A 536 9.72 -24.45 4.05
CA ASN A 536 10.16 -24.18 5.42
C ASN A 536 9.04 -24.45 6.42
N PRO A 537 8.75 -25.72 6.68
CA PRO A 537 7.68 -26.02 7.64
C PRO A 537 8.02 -25.57 9.05
N TYR A 538 6.99 -25.33 9.84
CA TYR A 538 7.14 -24.92 11.22
C TYR A 538 6.93 -26.09 12.16
N LYS A 539 7.68 -26.11 13.24
CA LYS A 539 7.50 -27.14 14.27
C LYS A 539 6.74 -26.33 15.32
N VAL A 540 5.56 -26.81 15.68
CA VAL A 540 4.72 -26.10 16.66
C VAL A 540 4.84 -26.62 18.08
N TYR A 541 5.00 -25.68 19.02
CA TYR A 541 5.11 -26.02 20.43
C TYR A 541 4.04 -25.30 21.24
N VAL A 542 3.48 -26.02 22.22
CA VAL A 542 2.48 -25.44 23.11
C VAL A 542 3.04 -25.72 24.49
N ASN A 543 3.25 -24.66 25.27
CA ASN A 543 3.81 -24.79 26.61
C ASN A 543 5.16 -25.50 26.50
N ASP A 544 5.84 -25.24 25.38
CA ASP A 544 7.16 -25.79 25.07
C ASP A 544 7.18 -27.28 24.78
N LYS A 545 6.03 -27.85 24.44
CA LYS A 545 5.94 -29.28 24.10
C LYS A 545 5.43 -29.34 22.66
N GLU A 546 6.07 -30.17 21.83
CA GLU A 546 5.67 -30.28 20.43
C GLU A 546 4.22 -30.70 20.25
N ALA A 547 3.52 -29.98 19.37
CA ALA A 547 2.12 -30.26 19.08
C ALA A 547 1.97 -30.61 17.61
N SER A 548 0.95 -31.40 17.31
CA SER A 548 0.71 -31.80 15.93
C SER A 548 -0.64 -31.23 15.51
N LEU A 549 -0.60 -30.15 14.74
N LEU A 549 -0.60 -30.15 14.74
CA LEU A 549 -1.82 -29.52 14.27
CA LEU A 549 -1.82 -29.52 14.27
C LEU A 549 -2.40 -30.28 13.08
C LEU A 549 -2.40 -30.27 13.07
N THR A 550 -3.71 -30.18 12.94
CA THR A 550 -4.43 -30.84 11.85
C THR A 550 -5.41 -29.85 11.23
N GLU A 551 -6.05 -30.29 10.15
CA GLU A 551 -7.03 -29.45 9.47
C GLU A 551 -8.16 -29.15 10.45
N GLN A 552 -8.49 -30.13 11.28
CA GLN A 552 -9.56 -29.96 12.26
C GLN A 552 -9.00 -29.17 13.45
N GLU A 553 -9.77 -28.20 13.90
CA GLU A 553 -9.39 -27.35 15.01
C GLU A 553 -9.22 -28.14 16.31
N LYS A 554 -8.11 -27.89 17.01
CA LYS A 554 -7.82 -28.57 18.29
C LYS A 554 -7.76 -27.53 19.40
N ASP A 555 -8.31 -27.88 20.56
CA ASP A 555 -8.32 -26.97 21.69
C ASP A 555 -7.14 -27.16 22.62
N TYR A 556 -6.61 -26.04 23.12
CA TYR A 556 -5.48 -26.07 24.02
C TYR A 556 -5.77 -25.18 25.23
N PRO A 557 -6.44 -25.74 26.25
CA PRO A 557 -6.77 -24.98 27.46
C PRO A 557 -5.52 -24.79 28.31
N GLU A 558 -5.52 -23.75 29.14
CA GLU A 558 -4.38 -23.47 30.00
C GLU A 558 -3.08 -23.30 29.21
N THR A 559 -3.13 -22.50 28.16
CA THR A 559 -1.95 -22.26 27.33
C THR A 559 -1.15 -21.07 27.85
N GLN A 560 0.15 -21.30 28.08
CA GLN A 560 1.03 -20.25 28.56
C GLN A 560 1.81 -19.66 27.39
N SER A 561 2.09 -20.50 26.40
CA SER A 561 2.83 -20.04 25.23
C SER A 561 2.65 -20.96 24.04
N VAL A 562 2.94 -20.40 22.86
CA VAL A 562 2.90 -21.13 21.61
C VAL A 562 4.15 -20.64 20.87
N PHE A 563 4.90 -21.56 20.28
CA PHE A 563 6.09 -21.17 19.55
C PHE A 563 6.14 -21.87 18.20
N LEU A 564 6.31 -21.07 17.15
CA LEU A 564 6.40 -21.60 15.79
C LEU A 564 7.87 -21.57 15.42
N GLU A 565 8.47 -22.75 15.32
CA GLU A 565 9.89 -22.90 15.03
C GLU A 565 10.26 -23.26 13.59
N SER A 566 11.05 -22.40 12.98
CA SER A 566 11.52 -22.56 11.61
C SER A 566 13.02 -22.85 11.62
N SER A 567 13.54 -23.33 10.49
CA SER A 567 14.97 -23.62 10.40
C SER A 567 15.70 -22.27 10.36
N ASP A 568 14.98 -21.22 9.99
CA ASP A 568 15.55 -19.86 9.95
C ASP A 568 14.95 -19.10 11.12
N SER A 569 15.77 -18.73 12.10
CA SER A 569 15.29 -18.02 13.27
C SER A 569 14.57 -16.71 12.93
N LYS A 570 14.84 -16.18 11.74
CA LYS A 570 14.21 -14.93 11.32
C LYS A 570 12.77 -15.13 10.85
N LYS A 571 12.27 -16.35 11.00
CA LYS A 571 10.88 -16.68 10.64
C LYS A 571 10.13 -17.17 11.89
N ASN A 572 10.86 -17.30 13.00
CA ASN A 572 10.26 -17.77 14.25
C ASN A 572 9.23 -16.82 14.81
N ILE A 573 8.16 -17.36 15.38
CA ILE A 573 7.11 -16.57 15.97
C ILE A 573 6.68 -17.18 17.28
N GLY A 574 6.78 -16.39 18.34
CA GLY A 574 6.37 -16.88 19.65
C GLY A 574 5.26 -16.04 20.24
N TYR A 575 4.32 -16.70 20.92
N TYR A 575 4.33 -16.70 20.93
CA TYR A 575 3.22 -16.01 21.56
CA TYR A 575 3.23 -16.03 21.59
C TYR A 575 3.23 -16.36 23.05
C TYR A 575 3.26 -16.37 23.06
N PHE A 576 3.37 -15.35 23.91
CA PHE A 576 3.40 -15.56 25.35
C PHE A 576 2.12 -14.99 25.96
N PHE A 577 1.33 -15.85 26.59
CA PHE A 577 0.08 -15.40 27.22
C PHE A 577 0.36 -15.03 28.68
N PHE A 578 0.17 -13.75 29.00
CA PHE A 578 0.42 -13.26 30.35
C PHE A 578 -0.28 -14.12 31.39
N LYS A 579 -1.48 -14.57 31.06
CA LYS A 579 -2.25 -15.43 31.94
C LYS A 579 -2.68 -16.64 31.10
N LYS A 580 -2.63 -17.82 31.69
CA LYS A 580 -3.01 -19.02 30.96
C LYS A 580 -4.33 -18.77 30.23
N SER A 581 -4.33 -19.04 28.93
CA SER A 581 -5.51 -18.81 28.11
C SER A 581 -5.96 -20.04 27.35
N SER A 582 -7.25 -20.10 27.04
CA SER A 582 -7.80 -21.22 26.30
C SER A 582 -7.86 -20.81 24.84
N ILE A 583 -7.03 -21.45 24.02
CA ILE A 583 -6.98 -21.14 22.60
C ILE A 583 -7.21 -22.40 21.78
N SER A 584 -7.35 -22.22 20.47
CA SER A 584 -7.54 -23.35 19.56
C SER A 584 -6.65 -23.09 18.35
N MET A 585 -6.15 -24.15 17.73
CA MET A 585 -5.29 -24.00 16.57
C MET A 585 -5.54 -25.06 15.51
N SER A 586 -5.20 -24.72 14.27
CA SER A 586 -5.37 -25.63 13.16
C SER A 586 -4.40 -25.25 12.04
N LYS A 587 -4.13 -26.21 11.17
CA LYS A 587 -3.26 -26.00 10.03
C LYS A 587 -4.03 -26.63 8.88
N ALA A 588 -4.46 -25.81 7.93
CA ALA A 588 -5.25 -26.35 6.83
C ALA A 588 -4.97 -25.67 5.51
N LEU A 589 -5.30 -26.38 4.43
CA LEU A 589 -5.13 -25.88 3.08
C LEU A 589 -6.37 -25.05 2.77
N GLN A 590 -6.18 -23.81 2.37
CA GLN A 590 -7.30 -22.93 2.06
C GLN A 590 -7.26 -22.58 0.58
N LYS A 591 -8.37 -22.84 -0.10
CA LYS A 591 -8.49 -22.60 -1.54
C LYS A 591 -9.38 -21.40 -1.86
N GLY A 592 -9.12 -20.77 -3.00
CA GLY A 592 -9.90 -19.63 -3.42
C GLY A 592 -9.37 -19.09 -4.73
N ALA A 593 -10.06 -18.11 -5.30
CA ALA A 593 -9.61 -17.51 -6.54
C ALA A 593 -9.62 -16.00 -6.41
N TRP A 594 -8.76 -15.32 -7.14
CA TRP A 594 -8.71 -13.87 -7.06
C TRP A 594 -10.07 -13.28 -7.45
N LYS A 595 -10.80 -13.94 -8.35
CA LYS A 595 -12.10 -13.44 -8.76
C LYS A 595 -13.07 -13.36 -7.59
N ASP A 596 -12.87 -14.19 -6.57
CA ASP A 596 -13.73 -14.18 -5.39
C ASP A 596 -13.72 -12.83 -4.69
N ILE A 597 -12.56 -12.15 -4.72
CA ILE A 597 -12.43 -10.86 -4.05
C ILE A 597 -12.32 -9.67 -4.99
N ASN A 598 -12.25 -9.95 -6.29
CA ASN A 598 -12.15 -8.90 -7.30
C ASN A 598 -12.75 -9.43 -8.60
N GLU A 599 -13.95 -8.96 -8.94
CA GLU A 599 -14.65 -9.41 -10.14
C GLU A 599 -13.82 -9.44 -11.43
N GLY A 600 -12.89 -8.50 -11.57
CA GLY A 600 -12.09 -8.46 -12.78
C GLY A 600 -10.89 -9.38 -12.81
N GLN A 601 -10.69 -10.16 -11.75
CA GLN A 601 -9.55 -11.05 -11.69
C GLN A 601 -9.86 -12.49 -12.13
N SER A 602 -8.81 -13.27 -12.35
CA SER A 602 -8.91 -14.66 -12.79
C SER A 602 -9.65 -15.57 -11.81
N ASP A 603 -10.45 -16.49 -12.34
CA ASP A 603 -11.20 -17.43 -11.50
C ASP A 603 -10.39 -18.69 -11.23
N LYS A 604 -9.13 -18.70 -11.69
CA LYS A 604 -8.25 -19.85 -11.51
C LYS A 604 -8.08 -20.14 -10.02
N GLU A 605 -8.21 -21.41 -9.63
CA GLU A 605 -8.07 -21.77 -8.22
C GLU A 605 -6.65 -21.59 -7.71
N VAL A 606 -6.55 -20.99 -6.52
CA VAL A 606 -5.27 -20.76 -5.86
C VAL A 606 -5.39 -21.44 -4.51
N GLU A 607 -4.27 -21.89 -3.94
CA GLU A 607 -4.31 -22.54 -2.64
C GLU A 607 -3.05 -22.29 -1.83
N ASN A 608 -3.22 -22.21 -0.51
CA ASN A 608 -2.11 -21.99 0.41
C ASN A 608 -2.50 -22.62 1.74
N GLU A 609 -1.49 -23.03 2.50
CA GLU A 609 -1.70 -23.63 3.81
C GLU A 609 -1.58 -22.50 4.85
N PHE A 610 -2.49 -22.46 5.81
CA PHE A 610 -2.46 -21.43 6.85
C PHE A 610 -2.52 -22.03 8.26
N LEU A 611 -1.81 -21.40 9.19
CA LEU A 611 -1.83 -21.83 10.58
C LEU A 611 -2.67 -20.78 11.31
N THR A 612 -3.81 -21.20 11.84
CA THR A 612 -4.70 -20.27 12.52
C THR A 612 -4.74 -20.49 14.03
N ILE A 613 -4.63 -19.40 14.77
CA ILE A 613 -4.66 -19.43 16.23
C ILE A 613 -5.81 -18.51 16.66
N SER A 614 -6.73 -19.04 17.47
CA SER A 614 -7.88 -18.25 17.92
C SER A 614 -8.15 -18.39 19.41
N GLN A 615 -8.87 -17.41 19.97
CA GLN A 615 -9.24 -17.42 21.38
C GLN A 615 -10.72 -17.03 21.48
N ALA A 616 -11.55 -17.96 21.91
CA ALA A 616 -12.99 -17.69 22.03
C ALA A 616 -13.32 -16.79 23.22
N HIS A 617 -14.37 -15.99 23.05
CA HIS A 617 -14.84 -15.09 24.11
C HIS A 617 -16.31 -15.42 24.31
N LYS A 618 -16.58 -16.31 25.26
CA LYS A 618 -17.96 -16.74 25.51
C LYS A 618 -18.74 -15.96 26.57
N GLN A 619 -18.07 -15.10 27.32
CA GLN A 619 -18.78 -14.33 28.35
C GLN A 619 -18.51 -12.85 28.23
N ASN A 620 -19.47 -12.04 28.66
CA ASN A 620 -19.32 -10.59 28.61
C ASN A 620 -18.23 -10.18 29.59
N GLY A 621 -17.42 -9.22 29.18
CA GLY A 621 -16.34 -8.75 30.04
C GLY A 621 -15.07 -9.57 29.87
N ASP A 622 -15.02 -10.41 28.83
CA ASP A 622 -13.85 -11.24 28.57
C ASP A 622 -12.66 -10.40 28.13
N SER A 623 -11.50 -11.04 28.03
CA SER A 623 -10.29 -10.34 27.62
C SER A 623 -9.24 -11.31 27.09
N TYR A 624 -8.21 -10.75 26.47
CA TYR A 624 -7.09 -11.53 25.96
C TYR A 624 -5.84 -10.70 26.26
N GLY A 625 -4.70 -11.38 26.36
CA GLY A 625 -3.46 -10.69 26.63
C GLY A 625 -2.28 -11.58 26.33
N TYR A 626 -1.48 -11.17 25.35
CA TYR A 626 -0.31 -11.96 24.96
C TYR A 626 0.76 -11.10 24.32
N MET A 627 1.99 -11.60 24.34
CA MET A 627 3.13 -10.90 23.78
C MET A 627 3.61 -11.65 22.53
N LEU A 628 3.69 -10.92 21.42
CA LEU A 628 4.17 -11.50 20.18
C LEU A 628 5.67 -11.25 20.17
N ILE A 629 6.46 -12.32 20.11
CA ILE A 629 7.92 -12.20 20.12
C ILE A 629 8.50 -12.90 18.91
N PRO A 630 8.86 -12.12 17.88
CA PRO A 630 9.42 -12.73 16.67
C PRO A 630 10.94 -12.78 16.62
N ASN A 631 11.44 -13.57 15.66
CA ASN A 631 12.86 -13.69 15.37
C ASN A 631 13.85 -14.11 16.45
N VAL A 632 13.44 -14.96 17.38
CA VAL A 632 14.35 -15.47 18.41
C VAL A 632 14.20 -16.98 18.41
N ASP A 633 15.25 -17.73 18.76
CA ASP A 633 15.12 -19.18 18.78
C ASP A 633 14.33 -19.64 19.99
N ARG A 634 14.01 -20.93 20.04
CA ARG A 634 13.22 -21.50 21.12
C ARG A 634 13.76 -21.25 22.52
N ALA A 635 15.05 -21.50 22.73
CA ALA A 635 15.67 -21.30 24.04
C ALA A 635 15.58 -19.84 24.47
N THR A 636 15.82 -18.94 23.53
CA THR A 636 15.76 -17.50 23.82
C THR A 636 14.32 -17.06 24.14
N PHE A 637 13.37 -17.61 23.40
CA PHE A 637 11.96 -17.30 23.62
C PHE A 637 11.57 -17.76 25.02
N ASN A 638 11.97 -18.98 25.38
CA ASN A 638 11.64 -19.51 26.70
C ASN A 638 12.26 -18.67 27.81
N GLN A 639 13.47 -18.20 27.58
CA GLN A 639 14.16 -17.38 28.55
C GLN A 639 13.45 -16.03 28.68
N MET A 640 13.05 -15.46 27.55
CA MET A 640 12.37 -14.18 27.55
C MET A 640 11.01 -14.18 28.26
N ILE A 641 10.22 -15.24 28.09
CA ILE A 641 8.92 -15.27 28.73
C ILE A 641 9.03 -15.29 30.25
N LYS A 642 10.15 -15.79 30.77
CA LYS A 642 10.33 -15.79 32.22
C LYS A 642 10.67 -14.36 32.65
N GLU A 643 11.42 -13.65 31.81
CA GLU A 643 11.77 -12.27 32.13
C GLU A 643 10.49 -11.42 32.13
N LEU A 644 9.53 -11.81 31.30
CA LEU A 644 8.27 -11.09 31.17
C LEU A 644 7.16 -11.59 32.09
N GLU A 645 7.48 -12.52 33.00
CA GLU A 645 6.47 -13.09 33.90
C GLU A 645 5.54 -12.06 34.55
N SER A 646 6.07 -10.90 34.91
CA SER A 646 5.24 -9.88 35.55
C SER A 646 5.10 -8.61 34.71
N SER A 647 5.27 -8.73 33.39
CA SER A 647 5.16 -7.58 32.50
C SER A 647 3.74 -7.02 32.41
N LEU A 648 2.73 -7.84 32.64
CA LEU A 648 1.35 -7.35 32.58
C LEU A 648 1.01 -6.57 33.86
N ILE A 649 0.78 -5.27 33.71
CA ILE A 649 0.46 -4.41 34.86
C ILE A 649 -1.03 -4.41 35.14
N GLU A 650 -1.82 -4.32 34.08
CA GLU A 650 -3.27 -4.33 34.22
C GLU A 650 -3.93 -4.50 32.85
N ASN A 651 -5.11 -5.12 32.85
CA ASN A 651 -5.87 -5.32 31.62
C ASN A 651 -7.36 -5.39 31.92
N ASN A 652 -7.95 -4.26 32.28
CA ASN A 652 -9.36 -4.20 32.59
C ASN A 652 -10.10 -3.18 31.71
N GLU A 653 -11.36 -2.92 32.04
CA GLU A 653 -12.19 -2.00 31.28
C GLU A 653 -11.78 -0.53 31.28
N THR A 654 -10.90 -0.12 32.19
CA THR A 654 -10.49 1.27 32.22
C THR A 654 -8.98 1.49 32.11
N LEU A 655 -8.20 0.46 32.42
CA LEU A 655 -6.75 0.57 32.35
C LEU A 655 -6.07 -0.66 31.75
N GLN A 656 -5.12 -0.41 30.85
CA GLN A 656 -4.36 -1.49 30.21
C GLN A 656 -2.91 -1.03 30.16
N SER A 657 -2.01 -1.84 30.70
CA SER A 657 -0.61 -1.48 30.74
C SER A 657 0.34 -2.67 30.74
N VAL A 658 1.46 -2.52 30.04
CA VAL A 658 2.49 -3.56 29.97
C VAL A 658 3.80 -2.89 30.28
N TYR A 659 4.64 -3.56 31.06
CA TYR A 659 5.93 -3.03 31.47
C TYR A 659 7.09 -3.88 30.96
N ASP A 660 8.09 -3.21 30.40
CA ASP A 660 9.27 -3.86 29.87
C ASP A 660 10.40 -3.54 30.86
N ALA A 661 10.60 -4.41 31.84
CA ALA A 661 11.61 -4.21 32.87
C ALA A 661 13.04 -4.07 32.35
N LYS A 662 13.35 -4.73 31.25
CA LYS A 662 14.69 -4.66 30.67
C LYS A 662 14.98 -3.28 30.11
N GLN A 663 13.99 -2.68 29.44
CA GLN A 663 14.14 -1.35 28.86
C GLN A 663 13.81 -0.26 29.86
N GLY A 664 12.95 -0.58 30.80
CA GLY A 664 12.51 0.41 31.77
C GLY A 664 11.44 1.25 31.08
N VAL A 665 10.61 0.59 30.27
CA VAL A 665 9.55 1.26 29.52
C VAL A 665 8.15 0.73 29.84
N TRP A 666 7.20 1.66 29.97
CA TRP A 666 5.81 1.34 30.24
C TRP A 666 4.91 1.79 29.09
N GLY A 667 3.94 0.96 28.75
CA GLY A 667 2.96 1.31 27.74
C GLY A 667 1.67 1.39 28.54
N ILE A 668 0.92 2.48 28.42
CA ILE A 668 -0.32 2.62 29.18
C ILE A 668 -1.49 3.22 28.39
N VAL A 669 -2.66 2.60 28.51
CA VAL A 669 -3.86 3.11 27.88
C VAL A 669 -4.91 3.32 28.98
N LYS A 670 -5.41 4.55 29.10
CA LYS A 670 -6.42 4.87 30.11
C LYS A 670 -7.72 5.30 29.42
N TYR A 671 -8.82 4.67 29.79
CA TYR A 671 -10.10 5.03 29.20
C TYR A 671 -10.89 6.07 30.00
N ASP A 672 -10.39 6.43 31.19
CA ASP A 672 -11.06 7.47 31.99
C ASP A 672 -10.03 8.34 32.70
N ASP A 673 -10.49 9.40 33.36
CA ASP A 673 -9.59 10.33 34.03
C ASP A 673 -9.28 10.03 35.50
N SER A 674 -9.43 8.78 35.91
CA SER A 674 -9.13 8.42 37.30
C SER A 674 -7.62 8.41 37.47
N VAL A 675 -7.17 8.53 38.71
CA VAL A 675 -5.73 8.52 38.99
C VAL A 675 -5.23 7.08 38.98
N SER A 676 -4.32 6.76 38.06
CA SER A 676 -3.76 5.42 37.96
C SER A 676 -2.34 5.37 38.49
N THR A 677 -2.11 4.55 39.52
CA THR A 677 -0.78 4.42 40.08
C THR A 677 -0.11 3.23 39.41
N ILE A 678 1.07 3.46 38.85
CA ILE A 678 1.77 2.41 38.12
C ILE A 678 3.09 1.94 38.75
N SER A 679 3.16 0.64 39.04
CA SER A 679 4.36 0.02 39.62
C SER A 679 4.87 0.74 40.86
N ASN A 680 3.98 1.43 41.57
CA ASN A 680 4.32 2.19 42.77
C ASN A 680 5.48 3.15 42.52
N GLN A 681 5.51 3.75 41.33
CA GLN A 681 6.57 4.70 40.99
C GLN A 681 6.03 6.02 40.50
N PHE A 682 4.90 5.98 39.80
CA PHE A 682 4.30 7.20 39.27
C PHE A 682 2.81 7.04 39.01
N GLN A 683 2.16 8.15 38.70
CA GLN A 683 0.73 8.14 38.42
C GLN A 683 0.43 8.80 37.08
N VAL A 684 -0.55 8.28 36.37
CA VAL A 684 -0.99 8.86 35.10
C VAL A 684 -2.41 9.34 35.40
N LEU A 685 -2.71 10.56 34.97
CA LEU A 685 -3.99 11.19 35.31
C LEU A 685 -5.10 11.42 34.29
N LYS A 686 -4.83 11.21 33.01
CA LYS A 686 -5.86 11.46 32.01
C LYS A 686 -6.12 10.36 30.99
N ARG A 687 -7.37 10.29 30.54
CA ARG A 687 -7.78 9.32 29.53
C ARG A 687 -6.83 9.59 28.36
N GLY A 688 -6.35 8.52 27.72
CA GLY A 688 -5.43 8.69 26.60
C GLY A 688 -4.41 7.58 26.54
N VAL A 689 -3.42 7.75 25.67
CA VAL A 689 -2.37 6.74 25.47
C VAL A 689 -0.99 7.23 25.92
N TYR A 690 -0.27 6.39 26.66
CA TYR A 690 1.06 6.74 27.17
C TYR A 690 2.16 5.73 26.88
N THR A 691 3.37 6.25 26.69
CA THR A 691 4.56 5.42 26.52
C THR A 691 5.57 6.18 27.39
N ILE A 692 6.02 5.52 28.45
CA ILE A 692 6.93 6.15 29.41
C ILE A 692 8.24 5.39 29.63
N ARG A 693 9.34 6.13 29.73
N ARG A 693 9.33 6.13 29.74
CA ARG A 693 10.64 5.51 29.97
CA ARG A 693 10.65 5.55 29.95
C ARG A 693 11.31 6.11 31.19
C ARG A 693 11.31 6.12 31.20
N LYS A 694 11.82 5.25 32.05
CA LYS A 694 12.50 5.73 33.24
C LYS A 694 14.00 5.63 33.01
N GLU A 695 14.69 6.75 33.17
CA GLU A 695 16.14 6.77 33.00
C GLU A 695 16.73 7.32 34.30
N GLY A 696 16.98 6.44 35.25
CA GLY A 696 17.50 6.86 36.53
C GLY A 696 16.34 7.35 37.36
N ASP A 697 16.41 8.58 37.84
CA ASP A 697 15.31 9.16 38.61
C ASP A 697 14.52 10.04 37.66
N GLU A 698 14.89 9.97 36.39
CA GLU A 698 14.25 10.74 35.32
C GLU A 698 13.16 9.96 34.61
N TYR A 699 12.22 10.68 34.02
CA TYR A 699 11.13 10.05 33.30
C TYR A 699 10.85 10.78 32.00
N LYS A 700 10.89 10.04 30.89
N LYS A 700 10.89 10.05 30.90
CA LYS A 700 10.59 10.62 29.59
CA LYS A 700 10.59 10.60 29.58
C LYS A 700 9.15 10.21 29.30
C LYS A 700 9.14 10.20 29.29
N ILE A 701 8.29 11.18 29.01
CA ILE A 701 6.86 10.95 28.75
C ILE A 701 6.41 11.26 27.33
N ALA A 702 5.51 10.42 26.83
CA ALA A 702 4.92 10.57 25.50
C ALA A 702 3.44 10.29 25.69
N TYR A 703 2.64 11.35 25.80
CA TYR A 703 1.21 11.22 26.01
C TYR A 703 0.45 11.70 24.78
N TYR A 704 -0.65 11.02 24.49
CA TYR A 704 -1.48 11.35 23.33
C TYR A 704 -2.95 11.09 23.63
N ASN A 705 -3.76 12.11 23.39
CA ASN A 705 -5.20 12.02 23.56
C ASN A 705 -5.66 11.84 22.10
N PRO A 706 -6.01 10.60 21.71
CA PRO A 706 -6.45 10.32 20.34
C PRO A 706 -7.70 11.02 19.84
N GLU A 707 -8.60 11.38 20.76
CA GLU A 707 -9.83 12.07 20.38
C GLU A 707 -9.62 13.51 19.97
N THR A 708 -8.82 14.24 20.74
CA THR A 708 -8.54 15.64 20.44
C THR A 708 -7.29 15.75 19.58
N GLN A 709 -6.58 14.63 19.45
CA GLN A 709 -5.34 14.54 18.69
C GLN A 709 -4.34 15.55 19.22
N GLU A 710 -4.20 15.56 20.54
CA GLU A 710 -3.29 16.46 21.21
C GLU A 710 -2.60 15.78 22.38
N SER A 711 -1.48 16.34 22.79
CA SER A 711 -0.76 15.84 23.94
C SER A 711 -1.17 16.80 25.04
N ALA A 712 -0.33 16.99 26.04
CA ALA A 712 -0.64 17.90 27.13
C ALA A 712 0.58 18.08 27.99
N PRO A 713 0.68 19.22 28.70
CA PRO A 713 1.83 19.49 29.56
C PRO A 713 2.04 18.29 30.50
N ASP A 714 3.30 17.95 30.77
CA ASP A 714 3.60 16.81 31.63
C ASP A 714 2.83 16.80 32.95
N GLN A 715 2.81 17.93 33.65
CA GLN A 715 2.13 18.01 34.95
C GLN A 715 0.65 17.68 34.92
N GLU A 716 0.01 17.81 33.75
CA GLU A 716 -1.41 17.50 33.62
C GLU A 716 -1.70 16.01 33.56
N VAL A 717 -0.75 15.23 33.05
CA VAL A 717 -0.97 13.79 32.88
C VAL A 717 -0.04 12.84 33.62
N PHE A 718 1.02 13.38 34.22
CA PHE A 718 2.01 12.54 34.90
C PHE A 718 2.45 13.11 36.25
N LYS A 719 2.63 12.22 37.22
CA LYS A 719 3.09 12.62 38.54
C LYS A 719 3.89 11.50 39.18
N LYS A 720 5.12 11.82 39.57
CA LYS A 720 6.01 10.87 40.21
C LYS A 720 5.67 10.82 41.70
N LEU A 721 5.67 9.62 42.28
CA LEU A 721 5.36 9.48 43.70
C LEU A 721 6.55 9.81 44.57
N GLU A 722 6.35 10.12 45.77
#